data_9U3B
#
_entry.id   9U3B
#
_cell.length_a   72.876
_cell.length_b   69.401
_cell.length_c   73.028
_cell.angle_alpha   90.000
_cell.angle_beta   93.722
_cell.angle_gamma   90.000
#
_symmetry.space_group_name_H-M   'P 1 21 1'
#
loop_
_entity.id
_entity.type
_entity.pdbx_description
1 polymer 'Monomeric sarcosine oxidase'
2 non-polymer 'FLAVIN-ADENINE DINUCLEOTIDE'
3 non-polymer THIOPROLINE
4 non-polymer 'CHLORIDE ION'
5 non-polymer GLYCEROL
6 non-polymer 'SULFATE ION'
7 water water
#
_entity_poly.entity_id   1
_entity_poly.type   'polypeptide(L)'
_entity_poly.pdbx_seq_one_letter_code
;STHFDVIVVGAGSMGMAAGYQLAKQGVKTLLVDAFDPPHTNGSHHGDTRIIRHAYGEGREYVPLALRSQELWYELEKETH
HKIFTKTGVLVFGPKGESAFVAETMEAAKEHSLTVDLLEGDEINKRWPGITVPENYNAIFEPNSGVLFSENCIRAYRELA
EARGAKVLTHTRVEDFDISPDSVKIETANGSYTADKLIVSMGAWNSKLLSKLNLDIPLQPYRQVVGFFESDESKYSNDID
FPGFMVEVPNGIYYGFPSFGGCGLKLGYHTFGQKIDPDTINREFGVYPEDESNLRAFLEEYMPGANGELKRGAVCMYTKT
LDEHFIIDLHPEHSNVVIAAGFSGHGFKFSSGVGEVLSQLALTGKTEHDISIFSINRPALKESLQKTTIGSHHHHHH
;
_entity_poly.pdbx_strand_id   A,B
#
# COMPACT_ATOMS: atom_id res chain seq x y z
N THR A 2 14.50 -27.28 -20.53
CA THR A 2 15.17 -25.98 -20.46
C THR A 2 16.33 -26.11 -19.47
N HIS A 3 17.48 -25.68 -19.95
CA HIS A 3 18.58 -25.38 -19.05
C HIS A 3 18.40 -23.92 -18.65
N PHE A 4 18.21 -23.67 -17.34
CA PHE A 4 17.97 -22.32 -16.90
C PHE A 4 19.29 -21.58 -16.72
N ASP A 5 19.23 -20.25 -16.62
CA ASP A 5 20.38 -19.47 -16.21
C ASP A 5 20.64 -19.73 -14.71
N VAL A 6 19.57 -19.62 -13.89
CA VAL A 6 19.64 -19.73 -12.44
C VAL A 6 18.48 -20.58 -11.94
N ILE A 7 18.77 -21.47 -10.99
CA ILE A 7 17.74 -22.16 -10.21
C ILE A 7 17.85 -21.64 -8.77
N VAL A 8 16.69 -21.30 -8.20
CA VAL A 8 16.52 -20.97 -6.80
C VAL A 8 15.78 -22.11 -6.14
N VAL A 9 16.38 -22.69 -5.08
CA VAL A 9 15.77 -23.75 -4.30
CA VAL A 9 15.72 -23.73 -4.33
C VAL A 9 15.26 -23.14 -3.00
N GLY A 10 13.95 -23.06 -2.84
CA GLY A 10 13.31 -22.39 -1.73
C GLY A 10 12.91 -21.02 -2.21
N ALA A 11 11.66 -20.86 -2.55
CA ALA A 11 11.09 -19.65 -3.09
C ALA A 11 10.31 -18.92 -2.00
N GLY A 12 10.96 -18.74 -0.85
CA GLY A 12 10.35 -18.05 0.29
C GLY A 12 10.83 -16.60 0.36
N SER A 13 11.04 -16.15 1.57
CA SER A 13 11.38 -14.74 1.81
C SER A 13 12.58 -14.33 0.96
N MET A 14 13.68 -15.08 1.09
CA MET A 14 14.89 -14.70 0.37
C MET A 14 14.88 -15.12 -1.09
N GLY A 15 14.37 -16.33 -1.36
CA GLY A 15 14.42 -16.87 -2.71
C GLY A 15 13.50 -16.14 -3.66
N MET A 16 12.32 -15.77 -3.20
CA MET A 16 11.38 -15.09 -4.08
CA MET A 16 11.38 -15.09 -4.09
C MET A 16 11.90 -13.69 -4.42
N ALA A 17 12.53 -13.01 -3.46
CA ALA A 17 13.11 -11.69 -3.69
C ALA A 17 14.22 -11.84 -4.74
N ALA A 18 15.06 -12.86 -4.59
CA ALA A 18 16.11 -13.13 -5.58
C ALA A 18 15.52 -13.39 -6.95
N GLY A 19 14.42 -14.16 -7.00
CA GLY A 19 13.79 -14.46 -8.27
C GLY A 19 13.27 -13.21 -8.97
N TYR A 20 12.65 -12.31 -8.21
CA TYR A 20 12.22 -11.01 -8.75
C TYR A 20 13.41 -10.25 -9.33
N GLN A 21 14.50 -10.15 -8.58
CA GLN A 21 15.66 -9.38 -9.02
C GLN A 21 16.24 -9.97 -10.32
N LEU A 22 16.30 -11.29 -10.42
CA LEU A 22 16.84 -11.98 -11.60
C LEU A 22 15.89 -11.81 -12.77
N ALA A 23 14.59 -12.02 -12.58
CA ALA A 23 13.64 -11.89 -13.69
C ALA A 23 13.61 -10.47 -14.28
N LYS A 24 13.76 -9.47 -13.40
CA LYS A 24 13.68 -8.07 -13.81
C LYS A 24 14.84 -7.74 -14.76
N GLN A 25 15.93 -8.52 -14.70
CA GLN A 25 17.06 -8.36 -15.60
C GLN A 25 17.04 -9.34 -16.75
N GLY A 26 15.94 -10.03 -16.99
CA GLY A 26 15.85 -10.93 -18.12
C GLY A 26 16.64 -12.22 -17.96
N VAL A 27 16.98 -12.62 -16.73
CA VAL A 27 17.70 -13.86 -16.45
C VAL A 27 16.68 -14.99 -16.34
N LYS A 28 16.84 -16.08 -17.10
CA LYS A 28 15.93 -17.21 -17.17
C LYS A 28 16.06 -18.00 -15.88
N THR A 29 15.03 -17.93 -15.03
CA THR A 29 15.09 -18.41 -13.66
C THR A 29 14.00 -19.45 -13.44
N LEU A 30 14.38 -20.53 -12.75
CA LEU A 30 13.45 -21.50 -12.19
C LEU A 30 13.51 -21.39 -10.68
N LEU A 31 12.37 -21.25 -10.01
CA LEU A 31 12.29 -21.36 -8.57
C LEU A 31 11.51 -22.61 -8.20
N VAL A 32 12.03 -23.37 -7.25
CA VAL A 32 11.39 -24.62 -6.84
C VAL A 32 11.07 -24.51 -5.37
N ASP A 33 9.85 -24.81 -4.99
CA ASP A 33 9.45 -24.76 -3.60
C ASP A 33 8.70 -26.02 -3.22
N ALA A 34 8.90 -26.45 -1.97
CA ALA A 34 8.19 -27.60 -1.41
C ALA A 34 6.69 -27.35 -1.29
N PHE A 35 6.26 -26.09 -1.19
CA PHE A 35 4.87 -25.71 -1.04
C PHE A 35 4.53 -24.68 -2.12
N ASP A 36 3.61 -23.75 -1.86
CA ASP A 36 3.18 -22.75 -2.82
C ASP A 36 3.21 -21.39 -2.11
N PRO A 37 4.36 -20.69 -2.14
CA PRO A 37 4.52 -19.50 -1.30
C PRO A 37 3.64 -18.35 -1.73
N PRO A 38 3.10 -17.53 -0.79
CA PRO A 38 3.33 -17.68 0.62
C PRO A 38 2.50 -18.79 1.23
N HIS A 39 3.03 -19.40 2.29
CA HIS A 39 2.38 -20.51 2.96
C HIS A 39 2.66 -20.45 4.44
N THR A 40 2.17 -21.45 5.20
CA THR A 40 2.23 -21.43 6.66
C THR A 40 3.18 -22.48 7.20
N ASN A 41 4.06 -23.04 6.37
CA ASN A 41 4.94 -24.12 6.81
C ASN A 41 6.37 -23.70 7.08
N GLY A 42 6.73 -22.45 6.72
CA GLY A 42 8.08 -21.95 6.81
C GLY A 42 8.18 -20.88 7.88
N SER A 43 8.88 -19.81 7.48
CA SER A 43 9.29 -18.74 8.39
C SER A 43 8.65 -17.39 8.06
N HIS A 44 7.69 -17.31 7.14
CA HIS A 44 7.23 -16.02 6.63
C HIS A 44 5.78 -15.64 6.93
N HIS A 45 5.00 -16.49 7.62
CA HIS A 45 3.58 -16.27 7.86
C HIS A 45 3.31 -15.61 9.20
N GLY A 46 2.06 -15.43 9.54
CA GLY A 46 1.61 -14.62 10.66
C GLY A 46 1.42 -13.13 10.27
N ASP A 47 1.32 -12.85 8.97
CA ASP A 47 0.82 -11.60 8.41
CA ASP A 47 0.84 -11.61 8.40
C ASP A 47 1.91 -10.51 8.37
N THR A 48 2.52 -10.19 9.53
CA THR A 48 3.27 -8.96 9.72
C THR A 48 4.69 -9.24 10.17
N ARG A 49 5.58 -8.33 9.76
CA ARG A 49 6.97 -8.33 10.17
C ARG A 49 7.42 -6.91 10.49
N ILE A 50 8.23 -6.73 11.55
CA ILE A 50 8.84 -5.45 11.86
CA ILE A 50 8.85 -5.46 11.87
C ILE A 50 10.01 -5.22 10.91
N ILE A 51 10.13 -3.96 10.45
CA ILE A 51 11.39 -3.45 9.93
C ILE A 51 11.87 -2.31 10.82
N ARG A 52 13.10 -2.46 11.32
CA ARG A 52 13.82 -1.43 12.07
C ARG A 52 14.99 -0.96 11.22
N HIS A 53 15.45 0.26 11.45
CA HIS A 53 16.69 0.73 10.83
C HIS A 53 17.79 0.80 11.88
N ALA A 54 17.56 1.53 12.96
CA ALA A 54 18.46 1.55 14.10
C ALA A 54 18.47 0.15 14.73
N TYR A 55 19.62 -0.53 14.71
CA TYR A 55 19.65 -2.00 14.78
C TYR A 55 20.45 -2.48 16.01
N GLY A 56 19.71 -2.99 17.01
CA GLY A 56 20.32 -3.41 18.26
C GLY A 56 21.19 -4.66 18.17
N GLU A 57 21.00 -5.48 17.14
CA GLU A 57 21.86 -6.63 16.86
C GLU A 57 23.23 -6.21 16.34
N GLY A 58 23.33 -5.00 15.83
CA GLY A 58 24.60 -4.46 15.39
C GLY A 58 24.38 -3.33 14.38
N ARG A 59 25.07 -2.20 14.63
CA ARG A 59 25.03 -1.06 13.74
C ARG A 59 25.44 -1.38 12.31
N GLU A 60 26.23 -2.42 12.12
CA GLU A 60 26.66 -2.76 10.75
C GLU A 60 25.50 -3.23 9.86
N TYR A 61 24.34 -3.58 10.44
CA TYR A 61 23.19 -3.94 9.60
C TYR A 61 22.46 -2.72 9.01
N VAL A 62 22.75 -1.51 9.50
CA VAL A 62 21.92 -0.35 9.17
C VAL A 62 21.87 -0.09 7.65
N PRO A 63 23.01 -0.11 6.91
CA PRO A 63 22.93 0.16 5.47
C PRO A 63 22.01 -0.80 4.69
N LEU A 64 22.09 -2.07 5.07
CA LEU A 64 21.22 -3.06 4.42
C LEU A 64 19.76 -2.81 4.79
N ALA A 65 19.48 -2.38 6.02
CA ALA A 65 18.12 -2.08 6.42
C ALA A 65 17.58 -0.91 5.61
N LEU A 66 18.40 0.16 5.49
CA LEU A 66 17.94 1.35 4.77
C LEU A 66 17.72 1.03 3.28
N ARG A 67 18.61 0.24 2.66
CA ARG A 67 18.39 -0.14 1.27
C ARG A 67 17.12 -0.98 1.16
N SER A 68 16.94 -1.91 2.11
CA SER A 68 15.76 -2.74 2.08
C SER A 68 14.50 -1.89 2.18
N GLN A 69 14.48 -0.90 3.06
CA GLN A 69 13.36 0.00 3.22
C GLN A 69 13.00 0.68 1.89
N GLU A 70 14.02 1.15 1.16
CA GLU A 70 13.76 1.81 -0.12
C GLU A 70 13.18 0.80 -1.10
N LEU A 71 13.73 -0.42 -1.14
CA LEU A 71 13.17 -1.43 -2.00
C LEU A 71 11.73 -1.80 -1.65
N TRP A 72 11.34 -1.78 -0.38
CA TRP A 72 9.95 -2.00 0.01
C TRP A 72 9.02 -0.90 -0.50
N TYR A 73 9.47 0.37 -0.44
CA TYR A 73 8.70 1.44 -1.04
C TYR A 73 8.56 1.24 -2.55
N GLU A 74 9.62 0.77 -3.19
CA GLU A 74 9.53 0.51 -4.63
C GLU A 74 8.51 -0.58 -4.90
N LEU A 75 8.50 -1.65 -4.10
CA LEU A 75 7.54 -2.74 -4.27
C LEU A 75 6.13 -2.22 -4.07
N GLU A 76 5.88 -1.40 -3.04
CA GLU A 76 4.59 -0.78 -2.80
C GLU A 76 4.04 -0.12 -4.07
N LYS A 77 4.93 0.53 -4.81
CA LYS A 77 4.50 1.27 -6.00
C LYS A 77 4.28 0.34 -7.18
N GLU A 78 4.80 -0.89 -7.17
CA GLU A 78 4.74 -1.79 -8.32
CA GLU A 78 4.75 -1.80 -8.31
C GLU A 78 3.56 -2.75 -8.25
N THR A 79 2.97 -3.01 -7.09
CA THR A 79 1.92 -4.00 -6.90
C THR A 79 0.64 -3.37 -6.32
N HIS A 80 -0.48 -4.11 -6.41
CA HIS A 80 -1.72 -3.74 -5.76
C HIS A 80 -1.86 -4.32 -4.35
N HIS A 81 -0.96 -5.24 -3.96
CA HIS A 81 -0.96 -5.74 -2.58
C HIS A 81 -0.33 -4.71 -1.63
N LYS A 82 -0.85 -4.65 -0.41
CA LYS A 82 -0.28 -3.77 0.60
C LYS A 82 1.05 -4.31 1.11
N ILE A 83 2.08 -3.46 1.09
CA ILE A 83 3.43 -3.83 1.50
C ILE A 83 3.87 -3.30 2.89
N PHE A 84 3.64 -2.00 3.18
CA PHE A 84 4.31 -1.36 4.32
C PHE A 84 3.39 -0.34 4.94
N THR A 85 3.38 -0.29 6.27
CA THR A 85 2.73 0.81 6.97
CA THR A 85 2.68 0.73 7.05
C THR A 85 3.70 1.35 8.02
N LYS A 86 3.79 2.68 8.09
CA LYS A 86 4.81 3.35 8.91
CA LYS A 86 4.81 3.35 8.90
C LYS A 86 4.35 3.57 10.34
N THR A 87 4.33 2.48 11.11
CA THR A 87 3.93 2.47 12.51
C THR A 87 4.96 3.13 13.40
N GLY A 88 6.21 3.21 12.95
CA GLY A 88 7.32 3.47 13.84
C GLY A 88 7.61 2.24 14.70
N VAL A 89 8.79 2.19 15.29
CA VAL A 89 9.17 1.07 16.16
C VAL A 89 9.75 1.64 17.45
N LEU A 90 9.13 1.20 18.57
CA LEU A 90 9.55 1.53 19.91
C LEU A 90 10.43 0.41 20.46
N VAL A 91 11.58 0.81 20.99
CA VAL A 91 12.52 -0.10 21.66
C VAL A 91 12.66 0.42 23.09
N PHE A 92 12.50 -0.42 24.09
CA PHE A 92 12.68 0.00 25.47
C PHE A 92 13.24 -1.14 26.31
N GLY A 93 13.74 -0.76 27.49
CA GLY A 93 14.32 -1.70 28.44
C GLY A 93 14.73 -0.99 29.70
N PRO A 94 15.17 -1.74 30.73
CA PRO A 94 15.58 -1.07 31.97
C PRO A 94 16.86 -0.29 31.68
N LYS A 95 16.91 0.92 32.19
CA LYS A 95 18.05 1.79 31.97
CA LYS A 95 18.05 1.81 32.01
C LYS A 95 19.32 1.10 32.47
N GLY A 96 20.34 1.05 31.58
CA GLY A 96 21.64 0.50 31.94
C GLY A 96 21.71 -1.03 31.92
N GLU A 97 20.62 -1.72 31.59
CA GLU A 97 20.60 -3.16 31.67
C GLU A 97 20.13 -3.84 30.38
N SER A 98 20.30 -3.17 29.23
CA SER A 98 19.99 -3.80 27.97
C SER A 98 21.03 -3.44 26.93
N ALA A 99 21.80 -4.44 26.52
CA ALA A 99 22.78 -4.25 25.47
C ALA A 99 22.03 -3.94 24.16
N PHE A 100 20.85 -4.56 24.00
CA PHE A 100 20.08 -4.37 22.79
C PHE A 100 19.64 -2.90 22.66
N VAL A 101 19.07 -2.34 23.73
CA VAL A 101 18.68 -0.93 23.72
C VAL A 101 19.91 -0.07 23.41
N ALA A 102 21.00 -0.30 24.15
CA ALA A 102 22.20 0.51 24.00
C ALA A 102 22.69 0.50 22.56
N GLU A 103 22.78 -0.67 21.92
CA GLU A 103 23.28 -0.72 20.56
C GLU A 103 22.30 -0.06 19.58
N THR A 104 21.00 -0.16 19.86
CA THR A 104 20.02 0.52 19.03
C THR A 104 20.36 2.01 19.02
N MET A 105 20.57 2.57 20.23
CA MET A 105 20.92 3.98 20.41
C MET A 105 22.22 4.34 19.72
N GLU A 106 23.25 3.49 19.84
CA GLU A 106 24.52 3.76 19.16
C GLU A 106 24.38 3.69 17.65
N ALA A 107 23.59 2.74 17.17
CA ALA A 107 23.38 2.60 15.72
C ALA A 107 22.74 3.86 15.17
N ALA A 108 21.75 4.39 15.89
CA ALA A 108 21.07 5.59 15.44
C ALA A 108 22.03 6.77 15.36
N LYS A 109 22.88 6.92 16.36
CA LYS A 109 23.87 7.99 16.36
C LYS A 109 24.88 7.81 15.24
N GLU A 110 25.40 6.60 15.04
CA GLU A 110 26.43 6.36 14.04
CA GLU A 110 26.40 6.27 14.03
C GLU A 110 25.92 6.62 12.63
N HIS A 111 24.62 6.44 12.37
CA HIS A 111 24.07 6.61 11.03
C HIS A 111 23.16 7.84 10.88
N SER A 112 23.18 8.70 11.87
CA SER A 112 22.35 9.90 11.91
C SER A 112 20.90 9.58 11.59
N LEU A 113 20.37 8.53 12.25
CA LEU A 113 18.96 8.21 12.11
C LEU A 113 18.09 9.12 12.96
N THR A 114 16.87 9.36 12.48
CA THR A 114 15.90 10.18 13.19
C THR A 114 15.22 9.33 14.27
N VAL A 115 15.41 9.66 15.54
CA VAL A 115 14.82 8.90 16.64
C VAL A 115 14.44 9.88 17.74
N ASP A 116 13.54 9.48 18.62
CA ASP A 116 13.17 10.20 19.85
C ASP A 116 13.64 9.35 21.03
N LEU A 117 14.23 10.01 22.05
CA LEU A 117 14.65 9.34 23.28
C LEU A 117 13.69 9.72 24.39
N LEU A 118 13.22 8.74 25.17
CA LEU A 118 12.21 8.98 26.19
C LEU A 118 12.56 8.16 27.40
N GLU A 119 12.02 8.51 28.56
CA GLU A 119 12.20 7.63 29.70
C GLU A 119 11.02 7.63 30.64
N GLY A 120 10.86 6.48 31.30
CA GLY A 120 9.89 6.36 32.38
C GLY A 120 8.51 6.80 31.95
N ASP A 121 7.91 7.70 32.74
CA ASP A 121 6.53 8.07 32.55
CA ASP A 121 6.52 8.03 32.54
C ASP A 121 6.29 8.76 31.21
N GLU A 122 7.35 9.27 30.58
CA GLU A 122 7.19 9.88 29.26
C GLU A 122 6.70 8.84 28.25
N ILE A 123 7.15 7.57 28.42
CA ILE A 123 6.70 6.50 27.54
C ILE A 123 5.21 6.24 27.73
N ASN A 124 4.79 6.08 29.00
CA ASN A 124 3.41 5.78 29.32
C ASN A 124 2.49 6.94 28.93
N LYS A 125 2.98 8.19 29.01
CA LYS A 125 2.22 9.38 28.64
CA LYS A 125 2.19 9.35 28.63
C LYS A 125 2.04 9.45 27.11
N ARG A 126 3.12 9.21 26.34
CA ARG A 126 3.04 9.32 24.90
C ARG A 126 2.12 8.26 24.30
N TRP A 127 2.17 7.00 24.79
CA TRP A 127 1.41 5.89 24.23
C TRP A 127 0.57 5.31 25.35
N PRO A 128 -0.64 5.86 25.56
CA PRO A 128 -1.57 5.23 26.47
C PRO A 128 -1.67 3.75 26.11
N GLY A 129 -1.61 2.94 27.14
CA GLY A 129 -1.65 1.51 26.96
C GLY A 129 -0.33 0.84 27.30
N ILE A 130 0.77 1.60 27.35
CA ILE A 130 2.04 1.07 27.80
C ILE A 130 2.22 1.47 29.26
N THR A 131 2.64 0.51 30.08
CA THR A 131 2.95 0.79 31.48
C THR A 131 4.33 0.21 31.81
N VAL A 132 5.37 1.00 31.66
CA VAL A 132 6.71 0.59 32.02
C VAL A 132 7.08 1.22 33.36
N PRO A 133 8.00 0.60 34.10
CA PRO A 133 8.56 1.22 35.30
C PRO A 133 9.29 2.51 35.00
N GLU A 134 9.44 3.33 36.02
CA GLU A 134 10.07 4.64 35.87
C GLU A 134 11.56 4.51 35.48
N ASN A 135 12.22 3.37 35.81
CA ASN A 135 13.62 3.20 35.50
CA ASN A 135 13.63 3.21 35.50
C ASN A 135 13.84 2.62 34.10
N TYR A 136 12.79 2.60 33.27
CA TYR A 136 13.02 2.17 31.88
C TYR A 136 13.33 3.37 30.99
N ASN A 137 14.08 3.13 29.90
CA ASN A 137 14.32 4.13 28.89
C ASN A 137 13.97 3.55 27.52
N ALA A 138 13.90 4.44 26.54
CA ALA A 138 13.36 4.04 25.23
C ALA A 138 13.97 4.89 24.12
N ILE A 139 14.00 4.27 22.94
CA ILE A 139 14.33 4.93 21.70
C ILE A 139 13.22 4.58 20.73
N PHE A 140 12.58 5.60 20.14
CA PHE A 140 11.48 5.42 19.20
C PHE A 140 11.91 5.90 17.82
N GLU A 141 11.75 5.05 16.80
CA GLU A 141 12.15 5.34 15.45
C GLU A 141 10.90 5.59 14.63
N PRO A 142 10.54 6.84 14.31
CA PRO A 142 9.27 7.10 13.65
C PRO A 142 9.13 6.61 12.24
N ASN A 143 10.22 6.43 11.49
CA ASN A 143 10.11 6.19 10.06
C ASN A 143 10.27 4.74 9.66
N SER A 144 10.49 3.84 10.63
CA SER A 144 10.44 2.40 10.36
C SER A 144 9.00 1.92 10.56
N GLY A 145 8.77 0.59 10.58
CA GLY A 145 7.37 0.18 10.62
C GLY A 145 7.17 -1.31 10.42
N VAL A 146 6.08 -1.63 9.70
CA VAL A 146 5.54 -2.97 9.57
C VAL A 146 5.39 -3.34 8.10
N LEU A 147 5.87 -4.51 7.77
CA LEU A 147 5.72 -5.13 6.46
C LEU A 147 4.66 -6.20 6.53
N PHE A 148 3.87 -6.34 5.46
CA PHE A 148 2.92 -7.44 5.30
C PHE A 148 3.63 -8.52 4.51
N SER A 149 4.26 -9.46 5.25
CA SER A 149 5.25 -10.35 4.66
C SER A 149 4.67 -11.30 3.61
N GLU A 150 3.50 -11.88 3.85
CA GLU A 150 2.89 -12.77 2.87
C GLU A 150 2.60 -12.01 1.57
N ASN A 151 2.16 -10.76 1.72
CA ASN A 151 1.93 -9.90 0.57
C ASN A 151 3.22 -9.60 -0.19
N CYS A 152 4.33 -9.39 0.53
CA CYS A 152 5.63 -9.13 -0.08
C CYS A 152 6.00 -10.28 -1.00
N ILE A 153 5.93 -11.53 -0.45
CA ILE A 153 6.31 -12.71 -1.23
C ILE A 153 5.35 -12.87 -2.41
N ARG A 154 4.05 -12.68 -2.18
CA ARG A 154 3.07 -12.84 -3.25
C ARG A 154 3.34 -11.84 -4.38
N ALA A 155 3.69 -10.59 -4.02
CA ALA A 155 3.95 -9.55 -5.01
C ALA A 155 5.20 -9.87 -5.80
N TYR A 156 6.27 -10.22 -5.09
CA TYR A 156 7.48 -10.60 -5.80
C TYR A 156 7.27 -11.77 -6.75
N ARG A 157 6.47 -12.74 -6.30
CA ARG A 157 6.15 -13.90 -7.14
C ARG A 157 5.39 -13.49 -8.40
N GLU A 158 4.37 -12.67 -8.25
CA GLU A 158 3.54 -12.28 -9.39
C GLU A 158 4.32 -11.43 -10.37
N LEU A 159 5.21 -10.58 -9.85
CA LEU A 159 6.03 -9.74 -10.69
C LEU A 159 7.09 -10.56 -11.43
N ALA A 160 7.75 -11.48 -10.72
CA ALA A 160 8.75 -12.32 -11.34
C ALA A 160 8.11 -13.17 -12.44
N GLU A 161 6.99 -13.82 -12.13
CA GLU A 161 6.34 -14.69 -13.10
C GLU A 161 5.90 -13.92 -14.35
N ALA A 162 5.43 -12.67 -14.19
CA ALA A 162 5.04 -11.88 -15.35
C ALA A 162 6.21 -11.63 -16.30
N ARG A 163 7.42 -11.58 -15.74
CA ARG A 163 8.66 -11.39 -16.49
CA ARG A 163 8.66 -11.38 -16.50
C ARG A 163 9.27 -12.71 -16.95
N GLY A 164 8.58 -13.82 -16.73
CA GLY A 164 9.00 -15.10 -17.29
C GLY A 164 9.65 -16.09 -16.30
N ALA A 165 9.85 -15.71 -15.04
CA ALA A 165 10.32 -16.69 -14.07
C ALA A 165 9.30 -17.81 -14.02
N LYS A 166 9.80 -19.03 -13.76
CA LYS A 166 8.92 -20.19 -13.57
C LYS A 166 9.03 -20.65 -12.13
N VAL A 167 7.90 -20.96 -11.51
CA VAL A 167 7.82 -21.44 -10.15
C VAL A 167 7.17 -22.81 -10.14
N LEU A 168 7.98 -23.82 -9.78
CA LEU A 168 7.54 -25.21 -9.64
C LEU A 168 7.21 -25.44 -8.18
N THR A 169 5.94 -25.61 -7.89
CA THR A 169 5.38 -25.67 -6.55
C THR A 169 5.21 -27.11 -6.08
N HIS A 170 5.04 -27.27 -4.79
CA HIS A 170 4.74 -28.57 -4.17
C HIS A 170 5.80 -29.59 -4.58
N THR A 171 7.07 -29.20 -4.65
CA THR A 171 8.14 -30.01 -5.18
C THR A 171 9.36 -29.88 -4.29
N ARG A 172 9.72 -30.96 -3.60
CA ARG A 172 10.85 -30.94 -2.70
C ARG A 172 12.12 -31.30 -3.45
N VAL A 173 13.15 -30.48 -3.31
CA VAL A 173 14.46 -30.79 -3.78
C VAL A 173 15.04 -31.80 -2.78
N GLU A 174 15.56 -32.90 -3.34
CA GLU A 174 16.07 -34.01 -2.53
C GLU A 174 17.59 -34.09 -2.56
N ASP A 175 18.22 -33.70 -3.66
CA ASP A 175 19.66 -33.82 -3.78
C ASP A 175 20.18 -32.85 -4.84
N PHE A 176 21.49 -32.69 -4.86
CA PHE A 176 22.20 -31.75 -5.70
C PHE A 176 23.34 -32.48 -6.41
N ASP A 177 23.74 -32.00 -7.58
CA ASP A 177 24.92 -32.47 -8.28
C ASP A 177 25.57 -31.24 -8.90
N ILE A 178 26.71 -30.83 -8.35
CA ILE A 178 27.36 -29.60 -8.73
C ILE A 178 28.61 -29.93 -9.52
N SER A 179 28.76 -29.30 -10.66
CA SER A 179 29.92 -29.44 -11.54
C SER A 179 30.59 -28.09 -11.64
N PRO A 180 31.82 -28.00 -12.19
CA PRO A 180 32.45 -26.69 -12.37
C PRO A 180 31.67 -25.70 -13.23
N ASP A 181 30.90 -26.20 -14.20
CA ASP A 181 30.26 -25.31 -15.17
C ASP A 181 28.74 -25.50 -15.22
N SER A 182 28.16 -26.21 -14.25
CA SER A 182 26.72 -26.38 -14.22
CA SER A 182 26.72 -26.38 -14.22
CA SER A 182 26.74 -26.51 -14.26
C SER A 182 26.27 -26.87 -12.84
N VAL A 183 24.98 -26.72 -12.58
CA VAL A 183 24.38 -27.20 -11.35
C VAL A 183 23.18 -28.06 -11.73
N LYS A 184 22.82 -29.00 -10.89
CA LYS A 184 21.69 -29.87 -11.13
CA LYS A 184 21.68 -29.87 -11.14
C LYS A 184 20.99 -30.14 -9.80
N ILE A 185 19.66 -30.14 -9.82
CA ILE A 185 18.81 -30.51 -8.69
C ILE A 185 17.99 -31.77 -9.04
N GLU A 186 17.74 -32.59 -8.03
CA GLU A 186 16.91 -33.79 -8.12
C GLU A 186 15.66 -33.66 -7.27
N THR A 187 14.48 -33.92 -7.86
CA THR A 187 13.15 -33.89 -7.21
C THR A 187 12.26 -35.07 -7.68
N ALA A 188 11.20 -35.40 -6.93
CA ALA A 188 10.27 -36.47 -7.31
C ALA A 188 9.49 -36.09 -8.56
N ASN A 189 9.52 -34.79 -8.94
CA ASN A 189 8.83 -34.32 -10.15
C ASN A 189 9.81 -34.07 -11.30
N GLY A 190 11.08 -34.43 -11.15
CA GLY A 190 12.07 -34.38 -12.22
C GLY A 190 13.36 -33.67 -11.79
N SER A 191 14.38 -33.74 -12.65
CA SER A 191 15.67 -33.10 -12.44
CA SER A 191 15.67 -33.10 -12.43
C SER A 191 15.83 -31.90 -13.36
N TYR A 192 16.50 -30.84 -12.87
CA TYR A 192 16.68 -29.59 -13.59
C TYR A 192 18.12 -29.13 -13.51
N THR A 193 18.57 -28.43 -14.55
CA THR A 193 19.93 -27.93 -14.65
C THR A 193 19.94 -26.42 -14.90
N ALA A 194 21.06 -25.79 -14.52
CA ALA A 194 21.28 -24.40 -14.74
C ALA A 194 22.77 -24.06 -14.67
N ASP A 195 23.11 -22.81 -14.91
CA ASP A 195 24.47 -22.33 -14.74
C ASP A 195 24.79 -22.01 -13.28
N LYS A 196 23.78 -21.57 -12.49
CA LYS A 196 23.99 -21.03 -11.14
C LYS A 196 22.86 -21.52 -10.26
N LEU A 197 23.16 -21.72 -8.96
CA LEU A 197 22.22 -22.17 -7.97
C LEU A 197 22.19 -21.17 -6.81
N ILE A 198 20.99 -20.84 -6.34
CA ILE A 198 20.79 -20.16 -5.07
C ILE A 198 20.04 -21.09 -4.16
N VAL A 199 20.56 -21.32 -2.94
CA VAL A 199 20.00 -22.20 -1.95
C VAL A 199 19.49 -21.37 -0.79
N SER A 200 18.18 -21.43 -0.60
CA SER A 200 17.45 -20.59 0.35
C SER A 200 16.24 -21.34 0.89
N MET A 201 16.53 -22.44 1.62
CA MET A 201 15.47 -23.36 2.03
C MET A 201 15.05 -23.14 3.49
N GLY A 202 15.42 -21.99 4.09
CA GLY A 202 14.89 -21.67 5.41
C GLY A 202 15.29 -22.69 6.47
N ALA A 203 14.31 -23.15 7.25
CA ALA A 203 14.62 -24.10 8.32
C ALA A 203 15.20 -25.38 7.73
N TRP A 204 14.83 -25.73 6.51
CA TRP A 204 15.34 -26.97 5.90
C TRP A 204 16.79 -26.90 5.47
N ASN A 205 17.42 -25.71 5.48
CA ASN A 205 18.85 -25.60 5.29
C ASN A 205 19.60 -26.43 6.36
N SER A 206 19.03 -26.53 7.56
CA SER A 206 19.62 -27.28 8.67
C SER A 206 19.70 -28.76 8.34
N LYS A 207 18.84 -29.27 7.46
CA LYS A 207 18.79 -30.70 7.16
C LYS A 207 19.44 -31.04 5.84
N LEU A 208 19.49 -30.09 4.88
CA LEU A 208 19.80 -30.44 3.51
C LEU A 208 21.09 -29.82 3.01
N LEU A 209 21.74 -28.91 3.76
CA LEU A 209 23.04 -28.37 3.31
C LEU A 209 24.14 -29.44 3.35
N SER A 210 23.93 -30.51 4.13
CA SER A 210 24.83 -31.66 4.11
C SER A 210 24.95 -32.24 2.70
N LYS A 211 23.88 -32.15 1.89
CA LYS A 211 23.93 -32.66 0.50
C LYS A 211 24.81 -31.79 -0.40
N LEU A 212 25.27 -30.62 0.08
CA LEU A 212 26.28 -29.81 -0.59
C LEU A 212 27.61 -29.89 0.14
N ASN A 213 27.78 -30.91 0.99
CA ASN A 213 29.02 -31.11 1.74
C ASN A 213 29.35 -29.94 2.67
N LEU A 214 28.31 -29.31 3.25
CA LEU A 214 28.54 -28.26 4.21
C LEU A 214 28.13 -28.77 5.58
N ASP A 215 28.95 -28.44 6.58
CA ASP A 215 28.66 -28.74 7.95
C ASP A 215 28.67 -27.45 8.76
N ILE A 216 27.48 -26.88 8.94
CA ILE A 216 27.38 -25.61 9.62
C ILE A 216 26.33 -25.74 10.69
N PRO A 217 26.62 -25.42 11.96
CA PRO A 217 25.59 -25.43 12.99
C PRO A 217 24.42 -24.50 12.62
N LEU A 218 23.22 -25.07 12.53
CA LEU A 218 21.99 -24.36 12.25
C LEU A 218 20.94 -25.07 13.10
N GLN A 219 20.26 -24.33 13.95
CA GLN A 219 19.22 -24.93 14.78
C GLN A 219 17.87 -24.30 14.49
N PRO A 220 16.88 -25.04 13.97
CA PRO A 220 15.52 -24.55 13.87
C PRO A 220 14.85 -24.49 15.24
N TYR A 221 14.03 -23.45 15.42
CA TYR A 221 13.28 -23.15 16.62
C TYR A 221 11.81 -22.92 16.31
N ARG A 222 10.94 -23.43 17.19
CA ARG A 222 9.50 -23.22 17.13
C ARG A 222 9.14 -21.94 17.87
N GLN A 223 8.59 -20.97 17.12
CA GLN A 223 8.33 -19.62 17.59
C GLN A 223 6.88 -19.27 17.34
N VAL A 224 6.11 -19.06 18.42
CA VAL A 224 4.69 -18.75 18.33
C VAL A 224 4.40 -17.25 18.46
N VAL A 225 3.27 -16.81 17.91
CA VAL A 225 2.72 -15.50 18.13
C VAL A 225 1.24 -15.60 18.41
N GLY A 226 0.71 -14.64 19.14
CA GLY A 226 -0.70 -14.56 19.47
C GLY A 226 -1.23 -13.17 19.16
N PHE A 227 -2.51 -13.12 18.79
CA PHE A 227 -3.28 -11.92 18.55
C PHE A 227 -4.32 -11.83 19.65
N PHE A 228 -4.46 -10.71 20.31
CA PHE A 228 -5.26 -10.59 21.52
C PHE A 228 -6.27 -9.48 21.37
N GLU A 229 -7.52 -9.70 21.84
CA GLU A 229 -8.51 -8.64 21.90
C GLU A 229 -7.99 -7.51 22.78
N SER A 230 -8.03 -6.27 22.24
CA SER A 230 -7.37 -5.14 22.84
C SER A 230 -8.29 -3.93 22.90
N ASP A 231 -7.96 -2.99 23.80
CA ASP A 231 -8.61 -1.69 23.79
C ASP A 231 -8.23 -0.92 22.52
N GLU A 232 -9.13 -0.84 21.56
CA GLU A 232 -8.79 -0.25 20.27
C GLU A 232 -8.51 1.23 20.40
N SER A 233 -9.06 1.94 21.40
CA SER A 233 -8.78 3.35 21.65
C SER A 233 -7.32 3.63 22.04
N LYS A 234 -6.57 2.58 22.42
CA LYS A 234 -5.17 2.65 22.78
C LYS A 234 -4.28 1.93 21.76
N TYR A 235 -4.64 0.74 21.29
CA TYR A 235 -3.70 -0.17 20.64
C TYR A 235 -3.83 -0.23 19.12
N SER A 236 -4.82 0.45 18.55
CA SER A 236 -4.97 0.47 17.11
C SER A 236 -3.84 1.26 16.43
N ASN A 237 -3.47 0.76 15.24
CA ASN A 237 -2.63 1.53 14.32
C ASN A 237 -3.26 2.89 13.99
N ASP A 238 -4.59 2.98 14.03
CA ASP A 238 -5.25 4.24 13.70
C ASP A 238 -5.04 5.33 14.73
N ILE A 239 -4.64 4.97 15.98
CA ILE A 239 -4.31 5.93 17.02
C ILE A 239 -2.79 5.90 17.29
N ASP A 240 -2.01 5.43 16.32
CA ASP A 240 -0.56 5.60 16.30
C ASP A 240 0.16 4.71 17.33
N PHE A 241 -0.49 3.63 17.77
CA PHE A 241 0.23 2.70 18.61
C PHE A 241 1.35 2.10 17.76
N PRO A 242 2.60 2.00 18.29
CA PRO A 242 3.70 1.58 17.43
C PRO A 242 3.97 0.09 17.38
N GLY A 243 4.75 -0.36 16.38
CA GLY A 243 5.42 -1.65 16.52
C GLY A 243 6.47 -1.55 17.62
N PHE A 244 6.90 -2.69 18.17
CA PHE A 244 7.86 -2.62 19.27
C PHE A 244 8.70 -3.86 19.34
N MET A 245 9.90 -3.68 19.90
CA MET A 245 10.84 -4.77 20.20
C MET A 245 11.56 -4.35 21.46
N VAL A 246 11.38 -5.10 22.56
CA VAL A 246 11.76 -4.58 23.86
C VAL A 246 12.49 -5.66 24.67
N GLU A 247 13.38 -5.21 25.59
CA GLU A 247 14.09 -6.12 26.47
C GLU A 247 13.62 -5.92 27.91
N VAL A 248 13.29 -7.02 28.58
CA VAL A 248 12.85 -7.02 29.98
C VAL A 248 13.74 -8.09 30.63
N PRO A 249 13.80 -8.13 31.99
CA PRO A 249 14.74 -9.09 32.64
C PRO A 249 14.72 -10.53 32.14
N ASN A 250 13.54 -11.03 31.73
CA ASN A 250 13.39 -12.42 31.27
C ASN A 250 13.41 -12.59 29.74
N GLY A 251 13.80 -11.55 28.99
CA GLY A 251 14.13 -11.73 27.59
C GLY A 251 13.54 -10.62 26.71
N ILE A 252 13.46 -10.90 25.41
CA ILE A 252 13.02 -9.92 24.41
C ILE A 252 11.65 -10.33 23.85
N TYR A 253 10.74 -9.37 23.81
CA TYR A 253 9.41 -9.51 23.25
C TYR A 253 9.22 -8.51 22.13
N TYR A 254 8.32 -8.79 21.22
CA TYR A 254 8.05 -7.86 20.11
C TYR A 254 6.57 -7.90 19.80
N GLY A 255 6.08 -6.88 19.08
CA GLY A 255 4.69 -6.93 18.69
C GLY A 255 4.28 -5.76 17.81
N PHE A 256 2.97 -5.71 17.57
CA PHE A 256 2.35 -4.95 16.49
C PHE A 256 1.07 -4.30 17.01
N PRO A 257 0.74 -3.10 16.56
CA PRO A 257 -0.58 -2.56 16.80
C PRO A 257 -1.67 -3.40 16.14
N SER A 258 -2.90 -3.29 16.64
CA SER A 258 -4.07 -3.85 16.01
C SER A 258 -4.32 -3.12 14.68
N PHE A 259 -4.45 -3.89 13.64
CA PHE A 259 -4.79 -3.38 12.31
C PHE A 259 -6.23 -3.80 11.98
N GLY A 260 -7.10 -2.82 11.80
CA GLY A 260 -8.47 -3.15 11.41
C GLY A 260 -9.15 -4.05 12.45
N GLY A 261 -8.79 -3.89 13.71
CA GLY A 261 -9.44 -4.67 14.77
C GLY A 261 -8.92 -6.09 14.91
N CYS A 262 -7.81 -6.49 14.28
CA CYS A 262 -7.26 -7.85 14.37
C CYS A 262 -6.73 -8.19 15.77
N GLY A 263 -6.47 -7.17 16.61
CA GLY A 263 -5.88 -7.38 17.90
C GLY A 263 -4.37 -7.10 17.88
N LEU A 264 -3.86 -6.65 19.00
CA LEU A 264 -2.41 -6.54 19.19
C LEU A 264 -1.82 -7.92 19.03
N LYS A 265 -0.70 -8.02 18.29
CA LYS A 265 0.04 -9.25 18.07
C LYS A 265 1.31 -9.21 18.89
N LEU A 266 1.67 -10.30 19.57
CA LEU A 266 2.86 -10.39 20.42
C LEU A 266 3.60 -11.69 20.14
N GLY A 267 4.91 -11.67 20.22
CA GLY A 267 5.76 -12.85 20.25
C GLY A 267 6.85 -12.67 21.31
N TYR A 268 7.38 -13.81 21.80
CA TYR A 268 8.54 -13.87 22.67
C TYR A 268 9.71 -14.35 21.81
N HIS A 269 10.77 -13.53 21.69
CA HIS A 269 11.84 -13.73 20.73
C HIS A 269 12.94 -14.65 21.24
N THR A 270 13.30 -14.53 22.54
CA THR A 270 14.53 -15.17 22.98
C THR A 270 14.34 -16.59 23.48
N PHE A 271 13.12 -17.12 23.46
CA PHE A 271 12.82 -18.50 23.83
C PHE A 271 11.97 -19.12 22.74
N GLY A 272 12.22 -20.40 22.47
CA GLY A 272 11.42 -21.24 21.58
C GLY A 272 11.87 -22.69 21.77
N GLN A 273 11.12 -23.64 21.21
CA GLN A 273 11.51 -25.05 21.34
C GLN A 273 12.46 -25.41 20.21
N LYS A 274 13.53 -26.17 20.47
CA LYS A 274 14.32 -26.74 19.40
C LYS A 274 13.51 -27.82 18.69
N ILE A 275 13.44 -27.74 17.35
CA ILE A 275 12.61 -28.64 16.60
C ILE A 275 13.32 -29.04 15.31
N ASP A 276 12.68 -30.01 14.66
CA ASP A 276 12.99 -30.44 13.29
C ASP A 276 11.85 -29.98 12.40
N PRO A 277 12.15 -29.33 11.24
CA PRO A 277 11.07 -28.76 10.44
C PRO A 277 10.10 -29.73 9.81
N ASP A 278 10.48 -31.02 9.78
CA ASP A 278 9.58 -32.05 9.28
C ASP A 278 8.73 -32.66 10.39
N THR A 279 8.96 -32.38 11.68
CA THR A 279 8.13 -32.96 12.72
C THR A 279 7.58 -31.93 13.69
N ILE A 280 7.86 -30.62 13.49
CA ILE A 280 7.32 -29.58 14.34
C ILE A 280 5.82 -29.66 14.45
N ASN A 281 5.34 -29.39 15.67
CA ASN A 281 3.91 -29.28 15.91
C ASN A 281 3.51 -27.83 15.63
N ARG A 282 2.71 -27.64 14.59
CA ARG A 282 2.32 -26.33 14.05
CA ARG A 282 2.36 -26.30 14.11
C ARG A 282 1.00 -25.82 14.65
N GLU A 283 0.46 -26.48 15.67
CA GLU A 283 -0.71 -25.99 16.37
C GLU A 283 -0.35 -25.14 17.58
N PHE A 284 -0.89 -23.90 17.59
CA PHE A 284 -0.72 -23.01 18.72
C PHE A 284 -1.45 -23.57 19.93
N GLY A 285 -0.78 -23.58 21.06
CA GLY A 285 -1.41 -23.87 22.32
C GLY A 285 -1.23 -25.32 22.78
N VAL A 286 -0.42 -26.11 22.08
CA VAL A 286 -0.17 -27.51 22.48
C VAL A 286 0.81 -27.54 23.63
N TYR A 287 1.57 -26.46 23.83
CA TYR A 287 2.45 -26.29 24.96
C TYR A 287 1.90 -25.13 25.78
N PRO A 288 1.80 -25.23 27.12
CA PRO A 288 1.24 -24.14 27.95
CA PRO A 288 1.28 -24.14 27.97
C PRO A 288 2.01 -22.81 27.84
N GLU A 289 3.31 -22.88 27.57
CA GLU A 289 4.14 -21.70 27.42
CA GLU A 289 4.17 -21.72 27.40
C GLU A 289 3.68 -20.83 26.26
N ASP A 290 3.01 -21.41 25.24
CA ASP A 290 2.65 -20.69 24.03
C ASP A 290 1.91 -19.42 24.42
N GLU A 291 0.83 -19.57 25.18
CA GLU A 291 -0.04 -18.49 25.55
C GLU A 291 0.51 -17.83 26.82
N SER A 292 1.01 -18.62 27.79
CA SER A 292 1.35 -18.06 29.09
CA SER A 292 1.39 -18.09 29.10
C SER A 292 2.51 -17.06 29.03
N ASN A 293 3.49 -17.30 28.15
CA ASN A 293 4.65 -16.43 28.06
C ASN A 293 4.23 -15.07 27.50
N LEU A 294 3.19 -15.07 26.68
CA LEU A 294 2.69 -13.83 26.08
C LEU A 294 1.88 -13.03 27.08
N ARG A 295 0.96 -13.71 27.80
CA ARG A 295 0.19 -12.98 28.81
C ARG A 295 1.07 -12.48 29.96
N ALA A 296 2.18 -13.17 30.28
CA ALA A 296 3.07 -12.68 31.31
C ALA A 296 3.60 -11.26 31.00
N PHE A 297 3.93 -11.02 29.72
CA PHE A 297 4.33 -9.70 29.26
C PHE A 297 3.16 -8.71 29.25
N LEU A 298 2.05 -9.11 28.64
CA LEU A 298 0.94 -8.16 28.46
C LEU A 298 0.37 -7.64 29.78
N GLU A 299 0.21 -8.54 30.76
CA GLU A 299 -0.41 -8.10 32.01
C GLU A 299 0.49 -7.08 32.71
N GLU A 300 1.82 -7.14 32.49
CA GLU A 300 2.77 -6.24 33.12
C GLU A 300 2.91 -4.91 32.38
N TYR A 301 3.03 -4.97 31.04
CA TYR A 301 3.47 -3.82 30.26
C TYR A 301 2.42 -3.25 29.33
N MET A 302 1.44 -4.05 28.92
CA MET A 302 0.42 -3.61 27.98
C MET A 302 -0.94 -4.16 28.40
N PRO A 303 -1.40 -3.69 29.59
CA PRO A 303 -2.49 -4.42 30.26
C PRO A 303 -3.85 -4.37 29.60
N GLY A 304 -4.09 -3.38 28.75
CA GLY A 304 -5.33 -3.32 27.99
C GLY A 304 -5.34 -4.10 26.69
N ALA A 305 -4.26 -4.84 26.40
CA ALA A 305 -4.11 -5.67 25.22
C ALA A 305 -4.08 -7.15 25.57
N ASN A 306 -4.70 -7.52 26.71
CA ASN A 306 -4.59 -8.86 27.29
C ASN A 306 -5.97 -9.50 27.37
N GLY A 307 -6.81 -9.32 26.35
CA GLY A 307 -8.13 -9.92 26.30
C GLY A 307 -8.07 -11.30 25.67
N GLU A 308 -9.21 -11.74 25.10
CA GLU A 308 -9.32 -13.07 24.58
C GLU A 308 -8.30 -13.29 23.47
N LEU A 309 -7.74 -14.47 23.40
CA LEU A 309 -6.91 -14.89 22.30
C LEU A 309 -7.75 -15.05 21.05
N LYS A 310 -7.47 -14.27 20.02
CA LYS A 310 -8.26 -14.26 18.81
C LYS A 310 -7.66 -15.22 17.80
N ARG A 311 -6.32 -15.39 17.80
CA ARG A 311 -5.65 -16.12 16.75
C ARG A 311 -4.24 -16.46 17.26
N GLY A 312 -3.74 -17.63 16.88
CA GLY A 312 -2.35 -17.99 17.14
C GLY A 312 -1.68 -18.51 15.89
N ALA A 313 -0.34 -18.49 15.86
CA ALA A 313 0.39 -19.02 14.73
C ALA A 313 1.71 -19.61 15.22
N VAL A 314 2.25 -20.54 14.45
CA VAL A 314 3.48 -21.24 14.76
C VAL A 314 4.40 -21.15 13.57
N CYS A 315 5.60 -20.62 13.81
CA CYS A 315 6.55 -20.30 12.77
C CYS A 315 7.93 -20.73 13.23
N MET A 316 8.93 -20.69 12.34
CA MET A 316 10.25 -21.18 12.67
C MET A 316 11.33 -20.10 12.51
N TYR A 317 12.26 -20.04 13.43
CA TYR A 317 13.55 -19.40 13.23
C TYR A 317 14.59 -20.45 12.81
N THR A 318 15.71 -20.06 12.21
CA THR A 318 16.86 -20.91 11.98
C THR A 318 18.08 -20.15 12.50
N LYS A 319 18.62 -20.54 13.66
CA LYS A 319 19.69 -19.76 14.30
C LYS A 319 21.09 -20.30 13.99
N THR A 320 22.04 -19.39 13.74
CA THR A 320 23.47 -19.64 13.75
C THR A 320 23.96 -19.46 15.20
N LEU A 321 25.21 -19.86 15.45
CA LEU A 321 25.80 -19.71 16.76
C LEU A 321 25.95 -18.25 17.19
N ASP A 322 26.19 -17.34 16.24
CA ASP A 322 26.40 -15.93 16.56
C ASP A 322 25.13 -15.10 16.24
N GLU A 323 24.09 -15.74 15.71
CA GLU A 323 22.83 -15.07 15.35
C GLU A 323 23.02 -14.01 14.25
N HIS A 324 24.08 -14.11 13.47
CA HIS A 324 24.25 -13.35 12.25
C HIS A 324 24.00 -14.26 11.05
N PHE A 325 23.56 -13.67 9.94
CA PHE A 325 23.11 -14.44 8.79
C PHE A 325 24.30 -15.09 8.08
N ILE A 326 24.00 -16.00 7.14
CA ILE A 326 24.97 -16.56 6.21
C ILE A 326 24.51 -16.15 4.82
N ILE A 327 25.31 -15.32 4.14
CA ILE A 327 25.06 -14.93 2.78
C ILE A 327 26.39 -14.95 2.05
N ASP A 328 26.62 -15.95 1.20
CA ASP A 328 27.96 -16.13 0.65
C ASP A 328 27.92 -17.13 -0.50
N LEU A 329 29.00 -17.17 -1.25
CA LEU A 329 29.25 -18.31 -2.12
C LEU A 329 29.62 -19.54 -1.32
N HIS A 330 29.26 -20.72 -1.86
CA HIS A 330 29.78 -21.98 -1.35
C HIS A 330 31.30 -21.94 -1.45
N PRO A 331 32.05 -22.29 -0.37
CA PRO A 331 33.50 -22.24 -0.42
C PRO A 331 34.18 -23.10 -1.49
N GLU A 332 33.52 -24.17 -1.94
CA GLU A 332 34.13 -25.03 -2.96
CA GLU A 332 34.11 -25.05 -2.95
C GLU A 332 33.48 -24.88 -4.33
N HIS A 333 32.40 -24.09 -4.46
CA HIS A 333 31.64 -23.98 -5.70
C HIS A 333 31.16 -22.54 -5.90
N SER A 334 31.84 -21.79 -6.76
CA SER A 334 31.53 -20.39 -6.94
C SER A 334 30.21 -20.16 -7.69
N ASN A 335 29.64 -21.24 -8.24
CA ASN A 335 28.35 -21.20 -8.94
C ASN A 335 27.19 -21.55 -8.01
N VAL A 336 27.42 -21.63 -6.70
CA VAL A 336 26.41 -21.93 -5.70
C VAL A 336 26.42 -20.81 -4.66
N VAL A 337 25.25 -20.20 -4.42
CA VAL A 337 25.04 -19.14 -3.44
C VAL A 337 24.18 -19.69 -2.33
N ILE A 338 24.52 -19.36 -1.07
CA ILE A 338 23.86 -19.86 0.12
CA ILE A 338 23.83 -19.85 0.10
C ILE A 338 23.29 -18.66 0.88
N ALA A 339 22.00 -18.75 1.25
CA ALA A 339 21.33 -17.81 2.12
C ALA A 339 20.72 -18.60 3.26
N ALA A 340 21.24 -18.47 4.50
CA ALA A 340 20.76 -19.31 5.58
C ALA A 340 20.90 -18.60 6.94
N GLY A 341 20.25 -19.15 7.94
CA GLY A 341 20.60 -18.76 9.31
C GLY A 341 20.12 -17.39 9.73
N PHE A 342 18.94 -17.00 9.29
CA PHE A 342 18.44 -15.66 9.52
C PHE A 342 17.97 -15.36 10.95
N SER A 343 18.05 -16.36 11.85
CA SER A 343 18.09 -16.17 13.29
C SER A 343 16.95 -15.30 13.81
N GLY A 344 15.77 -15.39 13.20
CA GLY A 344 14.60 -14.69 13.70
C GLY A 344 14.53 -13.20 13.39
N HIS A 345 15.41 -12.68 12.51
CA HIS A 345 15.41 -11.24 12.27
C HIS A 345 15.76 -10.91 10.83
N GLY A 346 15.45 -11.79 9.90
CA GLY A 346 15.82 -11.60 8.52
C GLY A 346 14.78 -10.98 7.59
N PHE A 347 13.49 -11.05 7.92
CA PHE A 347 12.49 -10.71 6.90
C PHE A 347 12.68 -9.30 6.37
N LYS A 348 12.91 -8.37 7.28
CA LYS A 348 13.01 -6.96 6.91
C LYS A 348 14.07 -6.72 5.83
N PHE A 349 15.10 -7.55 5.79
CA PHE A 349 16.21 -7.43 4.82
C PHE A 349 15.95 -8.19 3.55
N SER A 350 14.83 -8.94 3.44
CA SER A 350 14.73 -9.86 2.30
C SER A 350 14.76 -9.15 0.95
N SER A 351 14.22 -7.94 0.86
CA SER A 351 14.35 -7.19 -0.36
C SER A 351 15.81 -6.94 -0.73
N GLY A 352 16.59 -6.45 0.23
CA GLY A 352 18.00 -6.20 0.02
C GLY A 352 18.79 -7.47 -0.23
N VAL A 353 18.46 -8.54 0.50
CA VAL A 353 19.13 -9.83 0.33
C VAL A 353 18.84 -10.38 -1.07
N GLY A 354 17.61 -10.20 -1.56
CA GLY A 354 17.34 -10.64 -2.93
C GLY A 354 18.32 -10.01 -3.91
N GLU A 355 18.57 -8.71 -3.72
CA GLU A 355 19.50 -7.99 -4.57
C GLU A 355 20.90 -8.59 -4.43
N VAL A 356 21.38 -8.80 -3.20
CA VAL A 356 22.69 -9.42 -2.99
C VAL A 356 22.83 -10.77 -3.65
N LEU A 357 21.84 -11.64 -3.47
CA LEU A 357 21.87 -12.98 -3.99
C LEU A 357 21.92 -12.95 -5.52
N SER A 358 21.17 -12.02 -6.15
CA SER A 358 21.20 -11.90 -7.61
CA SER A 358 21.20 -11.87 -7.60
C SER A 358 22.59 -11.48 -8.06
N GLN A 359 23.23 -10.56 -7.36
CA GLN A 359 24.58 -10.09 -7.69
C GLN A 359 25.58 -11.25 -7.57
N LEU A 360 25.52 -12.00 -6.48
CA LEU A 360 26.42 -13.11 -6.24
C LEU A 360 26.24 -14.18 -7.31
N ALA A 361 24.97 -14.46 -7.69
CA ALA A 361 24.71 -15.49 -8.66
C ALA A 361 25.26 -15.09 -10.04
N LEU A 362 25.03 -13.83 -10.42
CA LEU A 362 25.39 -13.34 -11.76
C LEU A 362 26.88 -13.04 -11.90
N THR A 363 27.53 -12.53 -10.86
CA THR A 363 28.87 -11.94 -10.98
C THR A 363 29.88 -12.55 -10.01
N GLY A 364 29.43 -13.29 -9.00
CA GLY A 364 30.32 -13.82 -8.00
C GLY A 364 30.76 -12.82 -6.93
N LYS A 365 30.21 -11.61 -6.98
CA LYS A 365 30.54 -10.51 -6.07
C LYS A 365 29.27 -9.72 -5.81
N THR A 366 29.32 -8.81 -4.86
CA THR A 366 28.21 -7.91 -4.61
C THR A 366 28.80 -6.54 -4.28
N GLU A 367 28.03 -5.47 -4.58
CA GLU A 367 28.43 -4.13 -4.16
CA GLU A 367 28.40 -4.12 -4.16
C GLU A 367 28.22 -3.96 -2.65
N HIS A 368 27.35 -4.79 -2.05
CA HIS A 368 27.09 -4.65 -0.62
C HIS A 368 28.27 -5.19 0.21
N ASP A 369 28.48 -4.64 1.42
CA ASP A 369 29.44 -5.21 2.35
C ASP A 369 28.76 -6.30 3.14
N ILE A 370 29.13 -7.55 2.81
CA ILE A 370 28.53 -8.71 3.44
C ILE A 370 29.55 -9.53 4.24
N SER A 371 30.65 -8.89 4.66
CA SER A 371 31.69 -9.53 5.43
C SER A 371 31.15 -10.18 6.70
N ILE A 372 30.23 -9.50 7.39
CA ILE A 372 29.72 -10.02 8.65
C ILE A 372 28.89 -11.31 8.46
N PHE A 373 28.56 -11.70 7.20
CA PHE A 373 27.72 -12.88 6.93
C PHE A 373 28.52 -13.97 6.23
N SER A 374 29.87 -13.85 6.30
CA SER A 374 30.75 -14.79 5.62
C SER A 374 30.53 -16.21 6.13
N ILE A 375 30.54 -17.19 5.21
CA ILE A 375 30.33 -18.59 5.55
C ILE A 375 31.59 -19.20 6.19
N ASN A 376 32.69 -18.47 6.08
CA ASN A 376 33.99 -18.95 6.56
C ASN A 376 34.36 -18.35 7.90
N ARG A 377 33.49 -17.54 8.52
CA ARG A 377 33.84 -16.86 9.75
C ARG A 377 33.96 -17.84 10.91
N PRO A 378 34.90 -17.58 11.86
CA PRO A 378 35.10 -18.47 13.00
C PRO A 378 33.90 -18.74 13.88
N ALA A 379 33.06 -17.72 14.08
CA ALA A 379 32.03 -17.80 15.10
C ALA A 379 30.83 -18.62 14.64
N LEU A 380 30.83 -19.09 13.40
CA LEU A 380 29.79 -20.01 12.94
C LEU A 380 29.97 -21.39 13.54
N LYS A 381 31.22 -21.73 13.93
CA LYS A 381 31.61 -23.12 14.21
C LYS A 381 31.68 -23.36 15.72
N GLU A 382 31.44 -24.62 16.14
CA GLU A 382 31.36 -25.05 17.54
C GLU A 382 32.76 -25.08 18.20
N THR B 2 -26.74 19.41 19.84
CA THR B 2 -25.31 19.26 20.21
C THR B 2 -24.46 20.11 19.28
N HIS B 3 -23.37 20.63 19.88
CA HIS B 3 -22.58 21.63 19.23
C HIS B 3 -21.23 21.01 18.86
N PHE B 4 -20.85 21.24 17.59
CA PHE B 4 -19.54 20.89 17.05
C PHE B 4 -18.81 22.15 16.59
N ASP B 5 -17.50 22.03 16.40
CA ASP B 5 -16.73 23.09 15.79
C ASP B 5 -17.08 23.17 14.31
N VAL B 6 -17.09 22.03 13.61
CA VAL B 6 -17.39 22.01 12.17
C VAL B 6 -18.32 20.85 11.88
N ILE B 7 -19.31 21.06 11.02
CA ILE B 7 -20.16 20.00 10.48
C ILE B 7 -19.80 19.83 8.99
N VAL B 8 -19.64 18.57 8.57
CA VAL B 8 -19.47 18.21 7.16
C VAL B 8 -20.73 17.49 6.71
N VAL B 9 -21.40 18.01 5.69
CA VAL B 9 -22.57 17.37 5.12
C VAL B 9 -22.19 16.69 3.80
N GLY B 10 -22.23 15.38 3.81
CA GLY B 10 -21.73 14.59 2.70
C GLY B 10 -20.31 14.12 2.99
N ALA B 11 -20.19 12.89 3.51
CA ALA B 11 -18.93 12.35 3.98
C ALA B 11 -18.38 11.35 2.97
N GLY B 12 -18.28 11.81 1.74
CA GLY B 12 -17.77 11.02 0.64
C GLY B 12 -16.33 11.38 0.33
N SER B 13 -16.00 11.42 -0.96
CA SER B 13 -14.63 11.66 -1.41
C SER B 13 -14.07 12.94 -0.77
N MET B 14 -14.79 14.04 -0.89
CA MET B 14 -14.27 15.32 -0.43
C MET B 14 -14.53 15.49 1.05
N GLY B 15 -15.69 15.11 1.51
CA GLY B 15 -16.07 15.39 2.89
C GLY B 15 -15.28 14.53 3.87
N MET B 16 -15.04 13.26 3.56
CA MET B 16 -14.26 12.42 4.48
C MET B 16 -12.80 12.84 4.54
N ALA B 17 -12.22 13.30 3.44
CA ALA B 17 -10.88 13.87 3.46
C ALA B 17 -10.86 15.12 4.35
N ALA B 18 -11.84 16.01 4.22
CA ALA B 18 -11.93 17.18 5.10
C ALA B 18 -12.05 16.78 6.57
N GLY B 19 -12.84 15.76 6.86
CA GLY B 19 -13.02 15.32 8.22
C GLY B 19 -11.71 14.81 8.81
N TYR B 20 -10.94 14.05 8.06
CA TYR B 20 -9.61 13.64 8.49
C TYR B 20 -8.73 14.84 8.80
N GLN B 21 -8.66 15.79 7.88
CA GLN B 21 -7.81 16.96 8.09
C GLN B 21 -8.25 17.72 9.35
N LEU B 22 -9.54 17.88 9.60
CA LEU B 22 -10.02 18.59 10.78
C LEU B 22 -9.72 17.79 12.04
N ALA B 23 -10.04 16.50 12.07
CA ALA B 23 -9.84 15.70 13.27
C ALA B 23 -8.38 15.63 13.68
N LYS B 24 -7.46 15.60 12.72
CA LYS B 24 -6.07 15.42 13.08
C LYS B 24 -5.56 16.68 13.76
N GLN B 25 -6.28 17.79 13.66
CA GLN B 25 -5.94 19.02 14.37
C GLN B 25 -6.77 19.23 15.62
N GLY B 26 -7.48 18.23 16.07
CA GLY B 26 -8.26 18.32 17.29
C GLY B 26 -9.46 19.23 17.14
N VAL B 27 -9.97 19.43 15.91
CA VAL B 27 -11.22 20.13 15.71
C VAL B 27 -12.38 19.16 15.87
N LYS B 28 -13.33 19.49 16.74
CA LYS B 28 -14.47 18.63 17.01
C LYS B 28 -15.44 18.66 15.83
N THR B 29 -15.55 17.52 15.16
CA THR B 29 -16.18 17.45 13.83
C THR B 29 -17.29 16.42 13.83
N LEU B 30 -18.38 16.75 13.15
CA LEU B 30 -19.47 15.86 12.86
C LEU B 30 -19.53 15.68 11.34
N LEU B 31 -19.55 14.45 10.88
CA LEU B 31 -19.72 14.14 9.45
C LEU B 31 -21.04 13.41 9.29
N VAL B 32 -21.89 13.91 8.41
CA VAL B 32 -23.21 13.36 8.20
C VAL B 32 -23.29 12.80 6.79
N ASP B 33 -23.72 11.56 6.65
CA ASP B 33 -23.84 10.96 5.33
C ASP B 33 -25.19 10.26 5.17
N ALA B 34 -25.81 10.41 3.98
CA ALA B 34 -27.06 9.75 3.65
C ALA B 34 -26.97 8.21 3.56
N PHE B 35 -25.76 7.64 3.39
CA PHE B 35 -25.51 6.21 3.32
C PHE B 35 -24.40 5.91 4.34
N ASP B 36 -23.58 4.88 4.06
CA ASP B 36 -22.57 4.42 5.00
C ASP B 36 -21.24 4.32 4.26
N PRO B 37 -20.43 5.39 4.25
CA PRO B 37 -19.31 5.46 3.31
C PRO B 37 -18.11 4.62 3.72
N PRO B 38 -17.38 3.98 2.77
CA PRO B 38 -17.67 4.06 1.34
C PRO B 38 -18.83 3.16 0.92
N HIS B 39 -19.57 3.60 -0.10
CA HIS B 39 -20.78 2.90 -0.53
C HIS B 39 -20.86 2.96 -2.04
N THR B 40 -21.93 2.40 -2.62
CA THR B 40 -22.09 2.28 -4.06
C THR B 40 -23.20 3.17 -4.59
N ASN B 41 -23.66 4.17 -3.83
CA ASN B 41 -24.77 4.99 -4.26
C ASN B 41 -24.34 6.37 -4.74
N GLY B 42 -23.04 6.75 -4.58
CA GLY B 42 -22.54 8.05 -4.97
C GLY B 42 -21.58 7.96 -6.14
N SER B 43 -20.45 8.69 -5.98
CA SER B 43 -19.51 8.88 -7.07
C SER B 43 -18.14 8.25 -6.80
N HIS B 44 -17.96 7.36 -5.82
CA HIS B 44 -16.62 6.93 -5.42
C HIS B 44 -16.33 5.44 -5.49
N HIS B 45 -17.27 4.61 -5.98
CA HIS B 45 -17.10 3.16 -6.04
C HIS B 45 -16.61 2.73 -7.43
N GLY B 46 -16.54 1.42 -7.67
CA GLY B 46 -15.84 0.89 -8.83
C GLY B 46 -14.36 0.61 -8.57
N ASP B 47 -13.93 0.65 -7.30
CA ASP B 47 -12.62 0.22 -6.82
CA ASP B 47 -12.60 0.17 -6.87
C ASP B 47 -11.48 1.20 -7.08
N THR B 48 -11.33 1.68 -8.34
CA THR B 48 -10.11 2.38 -8.74
C THR B 48 -10.40 3.70 -9.39
N ARG B 49 -9.42 4.60 -9.25
CA ARG B 49 -9.46 5.92 -9.85
C ARG B 49 -8.07 6.27 -10.39
N ILE B 50 -8.00 6.92 -11.53
CA ILE B 50 -6.75 7.43 -12.05
CA ILE B 50 -6.76 7.45 -12.07
C ILE B 50 -6.37 8.72 -11.34
N ILE B 51 -5.06 8.86 -11.06
CA ILE B 51 -4.48 10.16 -10.76
C ILE B 51 -3.45 10.45 -11.84
N ARG B 52 -3.62 11.62 -12.48
CA ARG B 52 -2.71 12.24 -13.45
C ARG B 52 -2.11 13.47 -12.81
N HIS B 53 -0.92 13.88 -13.25
CA HIS B 53 -0.33 15.15 -12.84
C HIS B 53 -0.37 16.14 -14.02
N ALA B 54 0.28 15.76 -15.11
CA ALA B 54 0.14 16.49 -16.36
C ALA B 54 -1.33 16.48 -16.76
N TYR B 55 -1.99 17.65 -16.90
CA TYR B 55 -3.45 17.68 -16.81
C TYR B 55 -4.11 18.31 -18.07
N GLY B 56 -4.72 17.50 -18.93
CA GLY B 56 -5.28 17.99 -20.19
C GLY B 56 -6.48 18.90 -20.03
N GLU B 57 -7.15 18.87 -18.88
CA GLU B 57 -8.28 19.74 -18.61
C GLU B 57 -7.78 21.15 -18.39
N GLY B 58 -6.50 21.28 -18.02
CA GLY B 58 -5.88 22.56 -17.82
C GLY B 58 -4.61 22.46 -16.96
N ARG B 59 -3.55 23.11 -17.44
CA ARG B 59 -2.29 23.10 -16.73
C ARG B 59 -2.42 23.67 -15.30
N GLU B 60 -3.39 24.56 -15.05
CA GLU B 60 -3.53 25.22 -13.76
CA GLU B 60 -3.50 25.20 -13.74
C GLU B 60 -3.94 24.22 -12.65
N TYR B 61 -4.36 22.99 -13.01
CA TYR B 61 -4.65 21.93 -12.03
C TYR B 61 -3.38 21.25 -11.50
N VAL B 62 -2.24 21.43 -12.18
CA VAL B 62 -1.06 20.65 -11.82
C VAL B 62 -0.67 20.83 -10.36
N PRO B 63 -0.54 22.07 -9.80
CA PRO B 63 -0.09 22.19 -8.41
C PRO B 63 -0.95 21.40 -7.41
N LEU B 64 -2.27 21.42 -7.59
CA LEU B 64 -3.14 20.68 -6.68
C LEU B 64 -3.03 19.17 -6.93
N ALA B 65 -2.80 18.72 -8.17
CA ALA B 65 -2.58 17.31 -8.41
C ALA B 65 -1.31 16.82 -7.70
N LEU B 66 -0.24 17.63 -7.76
CA LEU B 66 1.04 17.26 -7.13
C LEU B 66 0.89 17.25 -5.61
N ARG B 67 0.21 18.22 -5.02
CA ARG B 67 -0.04 18.23 -3.58
C ARG B 67 -0.86 17.01 -3.18
N SER B 68 -1.86 16.70 -4.00
CA SER B 68 -2.70 15.53 -3.75
C SER B 68 -1.88 14.26 -3.75
N GLN B 69 -1.01 14.10 -4.72
CA GLN B 69 -0.12 12.93 -4.78
C GLN B 69 0.70 12.80 -3.50
N GLU B 70 1.25 13.90 -3.01
CA GLU B 70 2.05 13.88 -1.77
C GLU B 70 1.17 13.36 -0.63
N LEU B 71 -0.05 13.87 -0.53
CA LEU B 71 -0.98 13.48 0.51
C LEU B 71 -1.38 12.01 0.40
N TRP B 72 -1.49 11.47 -0.83
CA TRP B 72 -1.81 10.07 -1.00
C TRP B 72 -0.67 9.19 -0.48
N TYR B 73 0.59 9.62 -0.72
CA TYR B 73 1.72 8.86 -0.19
C TYR B 73 1.73 8.95 1.33
N GLU B 74 1.32 10.05 1.91
CA GLU B 74 1.21 10.16 3.36
C GLU B 74 0.12 9.22 3.90
N LEU B 75 -1.02 9.11 3.22
CA LEU B 75 -2.05 8.22 3.67
C LEU B 75 -1.60 6.77 3.57
N GLU B 76 -0.92 6.39 2.51
CA GLU B 76 -0.41 5.03 2.37
C GLU B 76 0.42 4.62 3.59
N LYS B 77 1.20 5.53 4.13
CA LYS B 77 2.05 5.24 5.27
CA LYS B 77 2.05 5.24 5.27
C LYS B 77 1.27 5.14 6.57
N GLU B 78 0.07 5.73 6.65
CA GLU B 78 -0.69 5.86 7.90
CA GLU B 78 -0.68 5.85 7.90
C GLU B 78 -1.64 4.69 8.11
N THR B 79 -2.04 3.96 7.06
CA THR B 79 -3.08 2.94 7.13
C THR B 79 -2.59 1.61 6.63
N HIS B 80 -3.32 0.54 7.00
CA HIS B 80 -3.06 -0.77 6.45
C HIS B 80 -3.82 -1.07 5.16
N HIS B 81 -4.76 -0.19 4.76
CA HIS B 81 -5.44 -0.35 3.49
C HIS B 81 -4.54 0.14 2.34
N LYS B 82 -4.60 -0.53 1.20
CA LYS B 82 -3.86 -0.13 0.02
C LYS B 82 -4.45 1.14 -0.60
N ILE B 83 -3.59 2.13 -0.83
CA ILE B 83 -3.98 3.45 -1.33
C ILE B 83 -3.60 3.66 -2.81
N PHE B 84 -2.36 3.40 -3.19
CA PHE B 84 -1.86 3.85 -4.49
C PHE B 84 -0.94 2.83 -5.13
N THR B 85 -1.04 2.62 -6.45
CA THR B 85 -0.04 1.88 -7.18
CA THR B 85 -0.14 1.80 -7.26
C THR B 85 0.34 2.66 -8.42
N LYS B 86 1.66 2.71 -8.66
CA LYS B 86 2.23 3.61 -9.66
C LYS B 86 2.25 2.97 -11.03
N THR B 87 1.07 2.86 -11.66
CA THR B 87 0.91 2.23 -12.97
C THR B 87 1.51 3.06 -14.08
N GLY B 88 1.67 4.36 -13.86
CA GLY B 88 1.86 5.29 -14.94
C GLY B 88 0.50 5.58 -15.62
N VAL B 89 0.41 6.70 -16.35
CA VAL B 89 -0.77 7.00 -17.16
C VAL B 89 -0.34 7.39 -18.56
N LEU B 90 -0.95 6.68 -19.52
CA LEU B 90 -0.78 6.94 -20.96
C LEU B 90 -1.95 7.76 -21.51
N VAL B 91 -1.60 8.86 -22.18
CA VAL B 91 -2.57 9.71 -22.90
C VAL B 91 -2.21 9.64 -24.37
N PHE B 92 -3.18 9.34 -25.23
CA PHE B 92 -2.94 9.30 -26.66
C PHE B 92 -4.16 9.81 -27.41
N GLY B 93 -3.92 10.16 -28.68
CA GLY B 93 -4.99 10.65 -29.54
C GLY B 93 -4.45 10.81 -30.95
N PRO B 94 -5.31 11.15 -31.94
CA PRO B 94 -4.79 11.43 -33.28
C PRO B 94 -3.99 12.73 -33.26
N LYS B 95 -2.80 12.67 -33.86
CA LYS B 95 -1.93 13.83 -33.91
C LYS B 95 -2.64 15.04 -34.55
N GLY B 96 -2.60 16.17 -33.83
CA GLY B 96 -3.20 17.43 -34.27
C GLY B 96 -4.72 17.47 -34.07
N GLU B 97 -5.31 16.44 -33.48
CA GLU B 97 -6.76 16.44 -33.40
C GLU B 97 -7.25 16.18 -31.99
N SER B 98 -6.41 16.47 -30.97
CA SER B 98 -6.87 16.34 -29.59
C SER B 98 -6.36 17.52 -28.78
N ALA B 99 -7.25 18.42 -28.38
CA ALA B 99 -6.89 19.49 -27.47
C ALA B 99 -6.47 18.93 -26.11
N PHE B 100 -7.08 17.82 -25.72
CA PHE B 100 -6.76 17.18 -24.44
C PHE B 100 -5.31 16.70 -24.43
N VAL B 101 -4.90 15.95 -25.46
CA VAL B 101 -3.51 15.52 -25.57
C VAL B 101 -2.58 16.73 -25.59
N ALA B 102 -2.90 17.76 -26.39
CA ALA B 102 -2.02 18.89 -26.51
C ALA B 102 -1.82 19.59 -25.19
N GLU B 103 -2.89 19.79 -24.41
CA GLU B 103 -2.81 20.48 -23.14
C GLU B 103 -2.06 19.64 -22.09
N THR B 104 -2.23 18.32 -22.16
CA THR B 104 -1.45 17.42 -21.29
C THR B 104 0.04 17.68 -21.55
N MET B 105 0.44 17.72 -22.82
CA MET B 105 1.84 17.96 -23.21
C MET B 105 2.33 19.32 -22.77
N GLU B 106 1.49 20.37 -22.92
CA GLU B 106 1.87 21.71 -22.48
C GLU B 106 2.01 21.80 -20.98
N ALA B 107 1.13 21.12 -20.24
CA ALA B 107 1.15 21.13 -18.79
C ALA B 107 2.43 20.46 -18.28
N ALA B 108 2.84 19.37 -18.94
CA ALA B 108 4.07 18.68 -18.55
C ALA B 108 5.27 19.62 -18.78
N LYS B 109 5.31 20.33 -19.90
CA LYS B 109 6.42 21.24 -20.15
C LYS B 109 6.44 22.38 -19.17
N GLU B 110 5.30 23.01 -18.94
CA GLU B 110 5.18 24.16 -18.07
C GLU B 110 5.64 23.84 -16.65
N HIS B 111 5.32 22.65 -16.13
CA HIS B 111 5.60 22.24 -14.77
C HIS B 111 6.81 21.31 -14.67
N SER B 112 7.57 21.14 -15.75
CA SER B 112 8.78 20.33 -15.76
C SER B 112 8.53 18.94 -15.21
N LEU B 113 7.45 18.29 -15.70
CA LEU B 113 7.13 16.96 -15.24
C LEU B 113 7.92 15.89 -16.01
N THR B 114 8.13 14.73 -15.41
CA THR B 114 8.85 13.64 -16.06
C THR B 114 7.88 12.85 -16.94
N VAL B 115 8.08 12.91 -18.25
CA VAL B 115 7.17 12.29 -19.19
C VAL B 115 7.95 11.74 -20.40
N ASP B 116 7.36 10.77 -21.10
CA ASP B 116 7.87 10.23 -22.35
C ASP B 116 6.92 10.63 -23.47
N LEU B 117 7.44 11.08 -24.61
CA LEU B 117 6.63 11.35 -25.80
C LEU B 117 6.86 10.24 -26.81
N LEU B 118 5.81 9.71 -27.41
CA LEU B 118 5.89 8.58 -28.33
C LEU B 118 4.89 8.81 -29.44
N GLU B 119 5.10 8.12 -30.57
CA GLU B 119 4.04 8.09 -31.55
C GLU B 119 3.96 6.82 -32.37
N GLY B 120 2.74 6.60 -32.87
CA GLY B 120 2.48 5.58 -33.84
C GLY B 120 2.85 4.20 -33.32
N ASP B 121 3.70 3.54 -34.09
CA ASP B 121 4.05 2.16 -33.81
C ASP B 121 4.93 2.05 -32.56
N GLU B 122 5.47 3.17 -32.10
CA GLU B 122 6.23 3.14 -30.85
C GLU B 122 5.33 2.80 -29.66
N ILE B 123 4.08 3.26 -29.72
CA ILE B 123 3.10 2.98 -28.66
C ILE B 123 2.81 1.49 -28.63
N ASN B 124 2.50 0.91 -29.80
CA ASN B 124 2.13 -0.49 -29.96
C ASN B 124 3.30 -1.39 -29.57
N LYS B 125 4.54 -0.93 -29.82
CA LYS B 125 5.77 -1.67 -29.46
C LYS B 125 5.98 -1.68 -27.95
N ARG B 126 5.83 -0.51 -27.31
CA ARG B 126 6.17 -0.39 -25.90
C ARG B 126 5.19 -1.19 -25.04
N TRP B 127 3.90 -1.15 -25.38
CA TRP B 127 2.88 -1.83 -24.62
C TRP B 127 2.14 -2.78 -25.55
N PRO B 128 2.63 -4.03 -25.69
CA PRO B 128 1.85 -5.05 -26.37
C PRO B 128 0.43 -5.08 -25.81
N GLY B 129 -0.52 -5.17 -26.73
CA GLY B 129 -1.91 -5.09 -26.37
C GLY B 129 -2.58 -3.79 -26.84
N ILE B 130 -1.81 -2.73 -27.12
CA ILE B 130 -2.39 -1.50 -27.65
C ILE B 130 -2.18 -1.51 -29.16
N THR B 131 -3.26 -1.18 -29.90
CA THR B 131 -3.16 -1.07 -31.37
C THR B 131 -3.75 0.27 -31.79
N VAL B 132 -2.91 1.28 -31.93
CA VAL B 132 -3.34 2.59 -32.41
C VAL B 132 -2.86 2.74 -33.86
N PRO B 133 -3.59 3.59 -34.62
CA PRO B 133 -3.10 3.98 -35.94
C PRO B 133 -1.78 4.71 -35.89
N GLU B 134 -1.08 4.72 -37.03
CA GLU B 134 0.24 5.31 -37.13
C GLU B 134 0.22 6.81 -36.94
N ASN B 135 -0.92 7.46 -37.19
CA ASN B 135 -1.01 8.89 -37.01
C ASN B 135 -1.42 9.29 -35.58
N TYR B 136 -1.40 8.36 -34.60
CA TYR B 136 -1.61 8.75 -33.19
C TYR B 136 -0.30 9.16 -32.53
N ASN B 137 -0.37 10.10 -31.58
CA ASN B 137 0.75 10.41 -30.71
C ASN B 137 0.32 10.26 -29.24
N ALA B 138 1.32 10.33 -28.37
CA ALA B 138 1.11 9.99 -26.97
C ALA B 138 2.09 10.69 -26.06
N ILE B 139 1.64 10.91 -24.81
CA ILE B 139 2.47 11.31 -23.71
C ILE B 139 2.20 10.32 -22.57
N PHE B 140 3.29 9.81 -22.00
CA PHE B 140 3.22 8.82 -20.93
C PHE B 140 3.86 9.42 -19.68
N GLU B 141 3.17 9.35 -18.55
CA GLU B 141 3.62 9.87 -17.27
C GLU B 141 3.92 8.73 -16.33
N PRO B 142 5.21 8.35 -16.17
CA PRO B 142 5.53 7.13 -15.43
C PRO B 142 5.15 7.19 -13.96
N ASN B 143 5.12 8.36 -13.36
CA ASN B 143 4.95 8.45 -11.91
C ASN B 143 3.54 8.76 -11.43
N SER B 144 2.57 8.84 -12.34
CA SER B 144 1.19 8.89 -11.88
C SER B 144 0.66 7.46 -11.82
N GLY B 145 -0.64 7.27 -11.58
CA GLY B 145 -1.09 5.90 -11.34
C GLY B 145 -2.53 5.81 -10.91
N VAL B 146 -2.76 4.88 -9.99
CA VAL B 146 -4.11 4.42 -9.65
C VAL B 146 -4.29 4.44 -8.15
N LEU B 147 -5.44 4.99 -7.74
CA LEU B 147 -5.89 5.09 -6.37
C LEU B 147 -6.98 4.05 -6.14
N PHE B 148 -6.99 3.40 -4.97
CA PHE B 148 -8.08 2.52 -4.57
C PHE B 148 -9.07 3.34 -3.73
N SER B 149 -10.06 3.92 -4.41
CA SER B 149 -10.86 5.00 -3.87
C SER B 149 -11.70 4.63 -2.66
N GLU B 150 -12.30 3.43 -2.67
CA GLU B 150 -13.05 2.97 -1.52
C GLU B 150 -12.11 2.84 -0.32
N ASN B 151 -10.93 2.32 -0.55
CA ASN B 151 -9.92 2.23 0.51
C ASN B 151 -9.51 3.60 1.06
N CYS B 152 -9.40 4.60 0.19
CA CYS B 152 -9.02 5.93 0.60
C CYS B 152 -10.05 6.48 1.58
N ILE B 153 -11.34 6.37 1.21
CA ILE B 153 -12.40 6.88 2.05
C ILE B 153 -12.47 6.12 3.36
N ARG B 154 -12.38 4.78 3.30
CA ARG B 154 -12.39 3.97 4.51
C ARG B 154 -11.24 4.35 5.46
N ALA B 155 -10.05 4.55 4.90
CA ALA B 155 -8.87 4.89 5.70
C ALA B 155 -9.04 6.27 6.35
N TYR B 156 -9.48 7.27 5.59
CA TYR B 156 -9.75 8.57 6.17
C TYR B 156 -10.81 8.47 7.27
N ARG B 157 -11.87 7.68 7.05
CA ARG B 157 -12.90 7.57 8.06
C ARG B 157 -12.33 6.96 9.33
N GLU B 158 -11.60 5.85 9.22
CA GLU B 158 -11.08 5.15 10.39
C GLU B 158 -10.09 6.03 11.17
N LEU B 159 -9.27 6.79 10.46
CA LEU B 159 -8.31 7.65 11.14
C LEU B 159 -9.04 8.83 11.81
N ALA B 160 -10.00 9.47 11.12
CA ALA B 160 -10.76 10.56 11.69
C ALA B 160 -11.49 10.11 12.94
N GLU B 161 -12.20 8.99 12.88
CA GLU B 161 -12.96 8.49 14.02
C GLU B 161 -12.03 8.17 15.17
N ALA B 162 -10.84 7.64 14.91
CA ALA B 162 -9.90 7.37 16.00
C ALA B 162 -9.50 8.65 16.74
N ARG B 163 -9.56 9.80 16.05
CA ARG B 163 -9.17 11.08 16.63
CA ARG B 163 -9.18 11.07 16.65
C ARG B 163 -10.41 11.82 17.16
N GLY B 164 -11.57 11.18 17.20
CA GLY B 164 -12.74 11.73 17.87
C GLY B 164 -13.81 12.31 16.94
N ALA B 165 -13.64 12.20 15.61
CA ALA B 165 -14.68 12.65 14.69
C ALA B 165 -15.87 11.74 14.87
N LYS B 166 -17.07 12.33 14.76
CA LYS B 166 -18.30 11.59 14.83
C LYS B 166 -18.89 11.43 13.45
N VAL B 167 -19.26 10.22 13.07
CA VAL B 167 -19.84 9.97 11.78
C VAL B 167 -21.26 9.47 11.98
N LEU B 168 -22.24 10.21 11.44
CA LEU B 168 -23.65 9.82 11.43
C LEU B 168 -24.05 9.30 10.04
N THR B 169 -24.36 8.01 9.95
CA THR B 169 -24.68 7.34 8.71
C THR B 169 -26.18 7.25 8.46
N HIS B 170 -26.56 6.95 7.23
CA HIS B 170 -27.97 6.75 6.87
C HIS B 170 -28.82 7.93 7.34
N THR B 171 -28.31 9.15 7.20
CA THR B 171 -28.94 10.36 7.70
C THR B 171 -28.85 11.44 6.62
N ARG B 172 -30.00 11.76 6.03
CA ARG B 172 -30.10 12.76 4.99
C ARG B 172 -30.34 14.12 5.59
N VAL B 173 -29.47 15.09 5.29
CA VAL B 173 -29.71 16.49 5.65
C VAL B 173 -30.72 17.03 4.64
N GLU B 174 -31.77 17.72 5.18
CA GLU B 174 -32.88 18.20 4.38
C GLU B 174 -32.93 19.72 4.30
N ASP B 175 -32.34 20.42 5.29
CA ASP B 175 -32.35 21.88 5.24
C ASP B 175 -31.22 22.45 6.09
N PHE B 176 -31.03 23.76 5.98
CA PHE B 176 -29.93 24.45 6.64
C PHE B 176 -30.48 25.77 7.19
N ASP B 177 -29.86 26.26 8.28
CA ASP B 177 -30.16 27.57 8.85
C ASP B 177 -28.82 28.22 9.20
N ILE B 178 -28.41 29.24 8.42
CA ILE B 178 -27.11 29.88 8.55
C ILE B 178 -27.29 31.25 9.20
N SER B 179 -26.47 31.52 10.23
CA SER B 179 -26.41 32.83 10.89
C SER B 179 -25.02 33.40 10.70
N PRO B 180 -24.76 34.69 11.04
CA PRO B 180 -23.41 35.23 10.97
C PRO B 180 -22.37 34.54 11.82
N ASP B 181 -22.80 33.87 12.90
CA ASP B 181 -21.86 33.30 13.84
C ASP B 181 -22.18 31.85 14.19
N SER B 182 -23.05 31.17 13.40
CA SER B 182 -23.34 29.76 13.62
CA SER B 182 -23.44 29.79 13.67
C SER B 182 -24.04 29.16 12.41
N VAL B 183 -23.92 27.83 12.29
CA VAL B 183 -24.59 27.07 11.25
C VAL B 183 -25.44 26.00 11.92
N LYS B 184 -26.53 25.61 11.25
CA LYS B 184 -27.41 24.58 11.74
C LYS B 184 -27.93 23.71 10.61
N ILE B 185 -27.99 22.40 10.83
CA ILE B 185 -28.52 21.46 9.85
C ILE B 185 -29.75 20.79 10.43
N GLU B 186 -30.67 20.47 9.52
CA GLU B 186 -31.91 19.79 9.86
CA GLU B 186 -31.92 19.80 9.83
C GLU B 186 -31.93 18.42 9.17
N THR B 187 -32.18 17.41 9.98
CA THR B 187 -32.53 16.06 9.55
C THR B 187 -34.00 15.82 9.91
N SER B 191 -31.75 17.99 14.61
CA SER B 191 -30.91 19.12 14.11
C SER B 191 -29.58 19.14 14.87
N TYR B 192 -28.53 19.81 14.32
CA TYR B 192 -27.22 19.99 14.93
C TYR B 192 -26.62 21.35 14.58
N THR B 193 -25.76 21.91 15.46
CA THR B 193 -25.21 23.24 15.30
C THR B 193 -23.68 23.22 15.35
N ALA B 194 -23.04 24.19 14.68
CA ALA B 194 -21.60 24.35 14.71
C ALA B 194 -21.16 25.77 14.37
N ASP B 195 -19.87 26.06 14.45
CA ASP B 195 -19.30 27.32 14.02
C ASP B 195 -19.22 27.41 12.49
N LYS B 196 -18.98 26.26 11.82
CA LYS B 196 -18.63 26.23 10.40
C LYS B 196 -19.30 25.02 9.78
N LEU B 197 -19.66 25.17 8.50
CA LEU B 197 -20.28 24.13 7.69
C LEU B 197 -19.45 23.88 6.41
N ILE B 198 -19.21 22.59 6.08
CA ILE B 198 -18.69 22.16 4.78
C ILE B 198 -19.81 21.39 4.09
N VAL B 199 -20.13 21.73 2.82
CA VAL B 199 -21.16 21.07 2.08
C VAL B 199 -20.53 20.38 0.88
N SER B 200 -20.66 19.06 0.85
CA SER B 200 -19.99 18.21 -0.11
C SER B 200 -20.86 16.98 -0.42
N MET B 201 -22.03 17.21 -1.02
CA MET B 201 -23.06 16.18 -1.19
C MET B 201 -23.01 15.49 -2.56
N GLY B 202 -21.95 15.68 -3.33
CA GLY B 202 -21.82 14.95 -4.59
C GLY B 202 -22.99 15.27 -5.53
N ALA B 203 -23.56 14.23 -6.13
CA ALA B 203 -24.65 14.40 -7.11
C ALA B 203 -25.84 15.13 -6.47
N TRP B 204 -26.04 15.00 -5.18
CA TRP B 204 -27.16 15.65 -4.53
C TRP B 204 -26.94 17.15 -4.28
N ASN B 205 -25.74 17.66 -4.51
CA ASN B 205 -25.56 19.10 -4.55
C ASN B 205 -26.50 19.71 -5.59
N SER B 206 -26.81 18.99 -6.67
CA SER B 206 -27.67 19.49 -7.76
CA SER B 206 -27.64 19.55 -7.73
C SER B 206 -29.09 19.74 -7.27
N LYS B 207 -29.48 19.10 -6.15
CA LYS B 207 -30.86 19.19 -5.66
C LYS B 207 -30.98 20.02 -4.39
N LEU B 208 -29.93 20.11 -3.57
CA LEU B 208 -30.04 20.66 -2.23
C LEU B 208 -29.28 21.97 -2.02
N LEU B 209 -28.47 22.42 -2.97
CA LEU B 209 -27.81 23.71 -2.79
C LEU B 209 -28.85 24.84 -2.83
N SER B 210 -30.00 24.63 -3.47
CA SER B 210 -31.04 25.65 -3.44
C SER B 210 -31.46 25.98 -2.01
N LYS B 211 -31.29 25.05 -1.03
CA LYS B 211 -31.63 25.28 0.36
C LYS B 211 -30.62 26.21 1.02
N LEU B 212 -29.54 26.58 0.30
CA LEU B 212 -28.57 27.57 0.73
C LEU B 212 -28.63 28.80 -0.16
N ASN B 213 -29.75 29.02 -0.84
CA ASN B 213 -29.94 30.22 -1.65
C ASN B 213 -28.94 30.26 -2.82
N LEU B 214 -28.50 29.11 -3.34
CA LEU B 214 -27.58 29.07 -4.47
C LEU B 214 -28.32 28.53 -5.68
N ASP B 215 -28.01 29.13 -6.83
CA ASP B 215 -28.60 28.80 -8.11
C ASP B 215 -27.45 28.54 -9.07
N ILE B 216 -26.94 27.30 -9.07
CA ILE B 216 -25.79 26.97 -9.89
C ILE B 216 -26.11 25.79 -10.77
N PRO B 217 -25.94 25.87 -12.10
CA PRO B 217 -26.18 24.72 -12.96
C PRO B 217 -25.24 23.56 -12.62
N LEU B 218 -25.84 22.45 -12.26
CA LEU B 218 -25.18 21.20 -11.92
C LEU B 218 -26.04 20.10 -12.51
N GLN B 219 -25.43 19.23 -13.31
CA GLN B 219 -26.14 18.13 -13.94
C GLN B 219 -25.46 16.82 -13.57
N PRO B 220 -26.19 15.94 -12.84
CA PRO B 220 -25.75 14.56 -12.64
C PRO B 220 -25.87 13.72 -13.90
N TYR B 221 -24.88 12.85 -14.11
CA TYR B 221 -24.79 11.92 -15.23
C TYR B 221 -24.53 10.50 -14.72
N ARG B 222 -25.19 9.53 -15.37
CA ARG B 222 -24.95 8.11 -15.16
C ARG B 222 -23.79 7.63 -16.05
N GLN B 223 -22.75 7.09 -15.37
CA GLN B 223 -21.50 6.73 -15.98
C GLN B 223 -21.14 5.32 -15.58
N VAL B 224 -21.04 4.43 -16.58
CA VAL B 224 -20.81 3.02 -16.30
C VAL B 224 -19.35 2.64 -16.58
N VAL B 225 -18.89 1.59 -15.93
CA VAL B 225 -17.61 0.96 -16.18
C VAL B 225 -17.80 -0.54 -16.28
N GLY B 226 -16.96 -1.17 -17.07
CA GLY B 226 -16.96 -2.62 -17.20
C GLY B 226 -15.55 -3.19 -17.02
N PHE B 227 -15.47 -4.37 -16.40
CA PHE B 227 -14.23 -5.16 -16.25
C PHE B 227 -14.31 -6.36 -17.20
N PHE B 228 -13.29 -6.61 -18.00
CA PHE B 228 -13.31 -7.58 -19.08
C PHE B 228 -12.18 -8.58 -18.91
N GLU B 229 -12.48 -9.87 -19.13
CA GLU B 229 -11.44 -10.89 -19.20
C GLU B 229 -10.47 -10.58 -20.32
N SER B 230 -9.20 -10.55 -19.95
CA SER B 230 -8.13 -10.04 -20.77
C SER B 230 -6.94 -11.00 -20.84
N ASP B 231 -6.10 -10.82 -21.87
CA ASP B 231 -4.84 -11.53 -21.96
C ASP B 231 -3.90 -10.99 -20.89
N GLU B 232 -3.74 -11.74 -19.80
CA GLU B 232 -2.95 -11.24 -18.68
C GLU B 232 -1.47 -11.04 -18.99
N SER B 233 -0.95 -11.71 -20.04
CA SER B 233 0.42 -11.53 -20.46
C SER B 233 0.64 -10.15 -21.09
N LYS B 234 -0.45 -9.42 -21.37
CA LYS B 234 -0.40 -8.11 -21.97
C LYS B 234 -0.96 -7.05 -21.02
N TYR B 235 -2.10 -7.30 -20.39
CA TYR B 235 -2.88 -6.22 -19.76
C TYR B 235 -2.77 -6.22 -18.24
N SER B 236 -1.97 -7.10 -17.64
CA SER B 236 -1.80 -7.07 -16.19
C SER B 236 -0.97 -5.86 -15.74
N ASN B 237 -1.31 -5.31 -14.57
CA ASN B 237 -0.37 -4.41 -13.90
C ASN B 237 1.02 -5.04 -13.70
N ASP B 238 1.06 -6.36 -13.51
CA ASP B 238 2.33 -7.04 -13.24
C ASP B 238 3.30 -6.98 -14.40
N ILE B 239 2.82 -6.75 -15.64
CA ILE B 239 3.64 -6.56 -16.82
C ILE B 239 3.62 -5.11 -17.29
N ASP B 240 3.28 -4.19 -16.37
CA ASP B 240 3.46 -2.75 -16.56
C ASP B 240 2.50 -2.15 -17.58
N PHE B 241 1.35 -2.81 -17.79
CA PHE B 241 0.29 -2.20 -18.59
C PHE B 241 -0.17 -0.93 -17.85
N PRO B 242 -0.30 0.23 -18.51
CA PRO B 242 -0.55 1.48 -17.79
C PRO B 242 -2.02 1.78 -17.61
N GLY B 243 -2.36 2.65 -16.65
CA GLY B 243 -3.63 3.33 -16.70
C GLY B 243 -3.64 4.25 -17.92
N PHE B 244 -4.83 4.64 -18.39
CA PHE B 244 -4.87 5.45 -19.59
C PHE B 244 -6.10 6.33 -19.65
N MET B 245 -5.97 7.43 -20.37
CA MET B 245 -7.05 8.35 -20.71
C MET B 245 -6.75 8.89 -22.09
N VAL B 246 -7.66 8.60 -23.05
CA VAL B 246 -7.32 8.81 -24.45
C VAL B 246 -8.48 9.44 -25.20
N GLU B 247 -8.12 10.18 -26.26
CA GLU B 247 -9.12 10.81 -27.11
C GLU B 247 -9.09 10.22 -28.50
N VAL B 248 -10.27 9.79 -28.98
CA VAL B 248 -10.45 9.22 -30.29
C VAL B 248 -11.58 10.05 -30.94
N PRO B 249 -11.91 9.87 -32.24
CA PRO B 249 -12.93 10.71 -32.89
C PRO B 249 -14.29 10.79 -32.22
N ASN B 250 -14.73 9.71 -31.57
CA ASN B 250 -16.05 9.72 -30.95
C ASN B 250 -16.01 9.90 -29.43
N GLY B 251 -14.88 10.38 -28.90
CA GLY B 251 -14.86 10.81 -27.50
C GLY B 251 -13.62 10.36 -26.72
N ILE B 252 -13.74 10.49 -25.40
CA ILE B 252 -12.67 10.15 -24.47
C ILE B 252 -13.06 8.89 -23.69
N TYR B 253 -12.10 7.95 -23.65
CA TYR B 253 -12.19 6.73 -22.88
C TYR B 253 -11.03 6.66 -21.89
N TYR B 254 -11.21 5.86 -20.84
CA TYR B 254 -10.20 5.71 -19.81
C TYR B 254 -10.20 4.27 -19.35
N GLY B 255 -9.12 3.84 -18.69
CA GLY B 255 -9.13 2.51 -18.15
C GLY B 255 -7.88 2.20 -17.33
N PHE B 256 -7.85 0.93 -16.91
CA PHE B 256 -6.96 0.46 -15.88
C PHE B 256 -6.43 -0.90 -16.27
N PRO B 257 -5.17 -1.21 -15.92
CA PRO B 257 -4.68 -2.58 -16.10
C PRO B 257 -5.43 -3.53 -15.18
N SER B 258 -5.35 -4.84 -15.50
CA SER B 258 -5.91 -5.86 -14.66
C SER B 258 -5.05 -6.01 -13.40
N PHE B 259 -5.70 -5.97 -12.24
CA PHE B 259 -5.03 -6.17 -10.96
C PHE B 259 -5.46 -7.52 -10.39
N GLY B 260 -4.48 -8.39 -10.19
CA GLY B 260 -4.77 -9.71 -9.63
C GLY B 260 -5.79 -10.51 -10.47
N GLY B 261 -5.77 -10.31 -11.78
CA GLY B 261 -6.70 -11.03 -12.66
C GLY B 261 -8.13 -10.48 -12.64
N CYS B 262 -8.39 -9.25 -12.14
CA CYS B 262 -9.75 -8.70 -12.13
C CYS B 262 -10.27 -8.32 -13.51
N GLY B 263 -9.35 -8.25 -14.48
CA GLY B 263 -9.66 -7.84 -15.83
C GLY B 263 -9.43 -6.35 -16.05
N LEU B 264 -9.10 -5.99 -17.28
CA LEU B 264 -9.00 -4.58 -17.68
C LEU B 264 -10.33 -3.89 -17.45
N LYS B 265 -10.30 -2.70 -16.85
CA LYS B 265 -11.46 -1.89 -16.57
C LYS B 265 -11.50 -0.73 -17.54
N LEU B 266 -12.69 -0.47 -18.15
CA LEU B 266 -12.84 0.60 -19.15
C LEU B 266 -14.08 1.44 -18.80
N GLY B 267 -13.99 2.74 -19.05
CA GLY B 267 -15.16 3.62 -19.07
C GLY B 267 -15.09 4.56 -20.26
N TYR B 268 -16.29 5.04 -20.68
CA TYR B 268 -16.49 6.08 -21.69
C TYR B 268 -16.82 7.36 -20.96
N HIS B 269 -15.93 8.37 -21.07
CA HIS B 269 -15.97 9.57 -20.24
C HIS B 269 -16.91 10.67 -20.75
N THR B 270 -16.99 10.84 -22.06
CA THR B 270 -17.69 12.00 -22.60
C THR B 270 -19.17 11.77 -22.91
N PHE B 271 -19.68 10.57 -22.65
CA PHE B 271 -21.09 10.26 -22.81
C PHE B 271 -21.57 9.63 -21.52
N GLY B 272 -22.77 10.03 -21.08
CA GLY B 272 -23.57 9.27 -20.13
C GLY B 272 -24.99 9.84 -20.13
N GLN B 273 -25.89 9.22 -19.37
CA GLN B 273 -27.30 9.64 -19.37
C GLN B 273 -27.52 10.72 -18.33
N LYS B 274 -28.24 11.78 -18.67
CA LYS B 274 -28.66 12.77 -17.68
C LYS B 274 -29.64 12.12 -16.72
N ILE B 275 -29.40 12.21 -15.41
CA ILE B 275 -30.22 11.53 -14.43
C ILE B 275 -30.44 12.43 -13.21
N ASP B 276 -31.32 11.93 -12.35
CA ASP B 276 -31.53 12.44 -11.00
C ASP B 276 -30.99 11.38 -10.05
N PRO B 277 -30.17 11.72 -9.02
CA PRO B 277 -29.58 10.70 -8.18
C PRO B 277 -30.54 9.86 -7.35
N ASP B 278 -31.81 10.33 -7.23
CA ASP B 278 -32.82 9.57 -6.49
C ASP B 278 -33.57 8.62 -7.42
N THR B 279 -33.35 8.65 -8.72
CA THR B 279 -34.06 7.79 -9.66
C THR B 279 -33.20 7.14 -10.73
N ILE B 280 -31.85 7.26 -10.66
CA ILE B 280 -30.92 6.57 -11.54
C ILE B 280 -31.11 5.05 -11.43
N ASN B 281 -30.93 4.36 -12.55
CA ASN B 281 -30.85 2.91 -12.59
C ASN B 281 -29.38 2.49 -12.41
N ARG B 282 -29.08 1.83 -11.30
CA ARG B 282 -27.70 1.50 -10.92
C ARG B 282 -27.33 0.07 -11.35
N GLU B 283 -28.11 -0.53 -12.25
CA GLU B 283 -27.79 -1.84 -12.82
CA GLU B 283 -27.79 -1.83 -12.82
C GLU B 283 -27.07 -1.67 -14.15
N PHE B 284 -25.88 -2.23 -14.26
CA PHE B 284 -25.11 -2.25 -15.50
C PHE B 284 -25.81 -3.14 -16.53
N GLY B 285 -25.92 -2.64 -17.74
CA GLY B 285 -26.31 -3.43 -18.91
C GLY B 285 -27.80 -3.24 -19.28
N VAL B 286 -28.55 -2.40 -18.55
CA VAL B 286 -29.98 -2.23 -18.87
C VAL B 286 -30.13 -1.34 -20.09
N TYR B 287 -29.11 -0.53 -20.40
CA TYR B 287 -29.06 0.21 -21.64
C TYR B 287 -28.08 -0.51 -22.58
N PRO B 288 -28.39 -0.58 -23.90
N PRO B 288 -28.49 -0.91 -23.79
CA PRO B 288 -27.54 -1.36 -24.80
CA PRO B 288 -27.54 -1.41 -24.78
C PRO B 288 -26.17 -0.69 -24.92
C PRO B 288 -26.18 -0.70 -24.86
N GLU B 289 -26.16 0.64 -24.70
CA GLU B 289 -24.94 1.44 -24.80
CA GLU B 289 -24.92 1.40 -24.81
C GLU B 289 -23.92 1.03 -23.73
N ASP B 290 -24.39 0.53 -22.58
CA ASP B 290 -23.49 0.29 -21.42
C ASP B 290 -22.30 -0.57 -21.85
N GLU B 291 -22.58 -1.73 -22.43
CA GLU B 291 -21.55 -2.66 -22.81
C GLU B 291 -21.06 -2.33 -24.21
N SER B 292 -21.96 -1.93 -25.13
CA SER B 292 -21.56 -1.81 -26.53
C SER B 292 -20.54 -0.68 -26.75
N ASN B 293 -20.67 0.44 -26.03
CA ASN B 293 -19.74 1.54 -26.20
C ASN B 293 -18.32 1.14 -25.73
N LEU B 294 -18.25 0.25 -24.74
CA LEU B 294 -16.94 -0.21 -24.24
C LEU B 294 -16.33 -1.15 -25.26
N ARG B 295 -17.10 -2.16 -25.74
CA ARG B 295 -16.52 -3.10 -26.72
C ARG B 295 -16.10 -2.40 -28.00
N ALA B 296 -16.81 -1.36 -28.41
CA ALA B 296 -16.44 -0.64 -29.61
C ALA B 296 -15.02 -0.09 -29.54
N PHE B 297 -14.60 0.42 -28.36
CA PHE B 297 -13.24 0.86 -28.12
C PHE B 297 -12.28 -0.33 -28.05
N LEU B 298 -12.61 -1.34 -27.28
CA LEU B 298 -11.66 -2.45 -27.05
C LEU B 298 -11.32 -3.19 -28.35
N GLU B 299 -12.34 -3.44 -29.19
CA GLU B 299 -12.08 -4.19 -30.41
C GLU B 299 -11.14 -3.44 -31.33
N GLU B 300 -11.11 -2.11 -31.30
CA GLU B 300 -10.28 -1.27 -32.17
C GLU B 300 -8.88 -1.06 -31.58
N TYR B 301 -8.78 -0.77 -30.28
CA TYR B 301 -7.54 -0.29 -29.71
C TYR B 301 -6.87 -1.22 -28.71
N MET B 302 -7.62 -2.16 -28.11
CA MET B 302 -7.08 -3.04 -27.09
C MET B 302 -7.75 -4.41 -27.23
N PRO B 303 -7.49 -5.06 -28.38
CA PRO B 303 -8.31 -6.19 -28.81
C PRO B 303 -8.20 -7.47 -28.01
N GLY B 304 -7.10 -7.60 -27.25
CA GLY B 304 -6.93 -8.73 -26.35
C GLY B 304 -7.55 -8.54 -24.97
N ALA B 305 -8.21 -7.39 -24.75
CA ALA B 305 -8.91 -7.07 -23.51
C ALA B 305 -10.42 -7.04 -23.72
N ASN B 306 -10.90 -7.82 -24.67
CA ASN B 306 -12.29 -7.75 -25.09
C ASN B 306 -12.97 -9.09 -24.86
N GLY B 307 -12.72 -9.76 -23.75
CA GLY B 307 -13.32 -11.01 -23.39
C GLY B 307 -14.63 -10.90 -22.63
N GLU B 308 -14.94 -11.94 -21.88
CA GLU B 308 -16.19 -12.00 -21.11
C GLU B 308 -16.26 -10.81 -20.15
N LEU B 309 -17.45 -10.24 -20.01
CA LEU B 309 -17.71 -9.24 -19.00
C LEU B 309 -17.70 -9.90 -17.64
N LYS B 310 -16.80 -9.46 -16.78
CA LYS B 310 -16.65 -10.03 -15.45
C LYS B 310 -17.45 -9.26 -14.41
N ARG B 311 -17.59 -7.96 -14.61
CA ARG B 311 -18.18 -7.09 -13.59
C ARG B 311 -18.58 -5.78 -14.28
N GLY B 312 -19.70 -5.19 -13.87
CA GLY B 312 -20.00 -3.81 -14.22
C GLY B 312 -20.38 -2.99 -13.00
N ALA B 313 -20.27 -1.66 -13.14
CA ALA B 313 -20.66 -0.76 -12.09
C ALA B 313 -21.28 0.49 -12.72
N VAL B 314 -22.13 1.16 -11.93
CA VAL B 314 -22.82 2.35 -12.35
C VAL B 314 -22.56 3.42 -11.30
N CYS B 315 -22.10 4.59 -11.76
CA CYS B 315 -21.59 5.64 -10.89
C CYS B 315 -22.05 6.97 -11.46
N MET B 316 -21.87 8.09 -10.74
CA MET B 316 -22.39 9.38 -11.16
C MET B 316 -21.26 10.42 -11.25
N TYR B 317 -21.31 11.23 -12.30
CA TYR B 317 -20.59 12.49 -12.37
C TYR B 317 -21.55 13.62 -12.02
N THR B 318 -21.08 14.78 -11.56
CA THR B 318 -21.87 15.98 -11.43
C THR B 318 -21.15 17.10 -12.16
N LYS B 319 -21.65 17.52 -13.31
CA LYS B 319 -20.97 18.46 -14.19
C LYS B 319 -21.43 19.90 -13.99
N THR B 320 -20.44 20.82 -13.98
CA THR B 320 -20.66 22.24 -14.18
C THR B 320 -20.63 22.55 -15.67
N LEU B 321 -21.04 23.77 -16.03
CA LEU B 321 -21.06 24.18 -17.43
C LEU B 321 -19.69 24.22 -18.05
N ASP B 322 -18.64 24.54 -17.25
CA ASP B 322 -17.29 24.59 -17.79
C ASP B 322 -16.45 23.35 -17.45
N GLU B 323 -17.05 22.41 -16.71
CA GLU B 323 -16.41 21.17 -16.23
C GLU B 323 -15.21 21.43 -15.31
N HIS B 324 -15.16 22.60 -14.68
CA HIS B 324 -14.22 22.88 -13.62
C HIS B 324 -14.97 22.80 -12.29
N PHE B 325 -14.22 22.52 -11.23
CA PHE B 325 -14.80 22.29 -9.93
C PHE B 325 -15.33 23.59 -9.32
N ILE B 326 -16.11 23.47 -8.28
CA ILE B 326 -16.52 24.57 -7.41
C ILE B 326 -15.95 24.29 -6.02
N ILE B 327 -14.99 25.12 -5.56
CA ILE B 327 -14.41 25.00 -4.23
C ILE B 327 -14.29 26.41 -3.71
N ASP B 328 -15.16 26.85 -2.79
CA ASP B 328 -15.14 28.25 -2.38
C ASP B 328 -15.96 28.40 -1.12
N LEU B 329 -15.84 29.59 -0.48
CA LEU B 329 -16.81 30.02 0.50
C LEU B 329 -18.12 30.33 -0.22
N HIS B 330 -19.21 30.10 0.50
CA HIS B 330 -20.51 30.57 0.06
C HIS B 330 -20.45 32.10 -0.09
N PRO B 331 -20.94 32.65 -1.22
CA PRO B 331 -20.80 34.09 -1.48
C PRO B 331 -21.43 34.99 -0.42
N GLU B 332 -22.45 34.50 0.31
CA GLU B 332 -23.12 35.29 1.33
C GLU B 332 -22.73 34.93 2.76
N HIS B 333 -22.02 33.82 2.98
CA HIS B 333 -21.84 33.26 4.31
C HIS B 333 -20.40 32.73 4.42
N SER B 334 -19.50 33.51 5.06
CA SER B 334 -18.11 33.13 5.13
C SER B 334 -17.87 31.89 6.01
N ASN B 335 -18.87 31.49 6.80
CA ASN B 335 -18.80 30.29 7.64
C ASN B 335 -19.33 29.04 6.93
N VAL B 336 -19.55 29.11 5.62
CA VAL B 336 -20.01 27.96 4.83
C VAL B 336 -19.07 27.74 3.66
N VAL B 337 -18.63 26.48 3.48
CA VAL B 337 -17.69 26.09 2.43
C VAL B 337 -18.40 25.11 1.50
N ILE B 338 -18.27 25.31 0.19
CA ILE B 338 -18.95 24.53 -0.85
C ILE B 338 -17.89 23.76 -1.63
N ALA B 339 -18.12 22.46 -1.85
CA ALA B 339 -17.31 21.62 -2.72
C ALA B 339 -18.28 20.87 -3.62
N ALA B 340 -18.31 21.21 -4.91
CA ALA B 340 -19.33 20.68 -5.82
C ALA B 340 -18.79 20.61 -7.23
N GLY B 341 -19.52 19.89 -8.08
CA GLY B 341 -19.29 20.00 -9.52
C GLY B 341 -18.01 19.37 -10.04
N PHE B 342 -17.60 18.22 -9.51
CA PHE B 342 -16.30 17.66 -9.83
C PHE B 342 -16.23 17.05 -11.23
N SER B 343 -17.37 16.97 -11.95
CA SER B 343 -17.30 16.81 -13.40
C SER B 343 -16.55 15.58 -13.91
N GLY B 344 -16.61 14.50 -13.12
CA GLY B 344 -16.01 13.27 -13.56
C GLY B 344 -14.50 13.16 -13.40
N HIS B 345 -13.84 14.14 -12.73
CA HIS B 345 -12.38 14.09 -12.67
C HIS B 345 -11.84 14.57 -11.33
N GLY B 346 -12.66 14.49 -10.29
CA GLY B 346 -12.27 15.02 -8.99
C GLY B 346 -11.58 14.06 -8.01
N PHE B 347 -11.73 12.75 -8.10
CA PHE B 347 -11.27 11.89 -7.02
C PHE B 347 -9.80 12.10 -6.73
N LYS B 348 -8.97 12.14 -7.77
CA LYS B 348 -7.54 12.23 -7.57
C LYS B 348 -7.13 13.44 -6.71
N PHE B 349 -7.95 14.51 -6.71
CA PHE B 349 -7.68 15.72 -5.93
C PHE B 349 -8.27 15.64 -4.55
N SER B 350 -9.03 14.61 -4.19
CA SER B 350 -9.77 14.64 -2.94
C SER B 350 -8.89 14.86 -1.71
N SER B 351 -7.70 14.30 -1.68
CA SER B 351 -6.80 14.51 -0.56
C SER B 351 -6.44 16.01 -0.45
N GLY B 352 -6.09 16.63 -1.56
CA GLY B 352 -5.77 18.07 -1.56
C GLY B 352 -6.99 18.93 -1.29
N VAL B 353 -8.16 18.53 -1.81
CA VAL B 353 -9.37 19.25 -1.53
C VAL B 353 -9.72 19.18 -0.06
N GLY B 354 -9.52 18.03 0.57
CA GLY B 354 -9.75 17.93 2.02
C GLY B 354 -8.94 18.98 2.75
N GLU B 355 -7.66 19.13 2.40
CA GLU B 355 -6.78 20.15 3.00
C GLU B 355 -7.32 21.55 2.73
N VAL B 356 -7.72 21.85 1.50
CA VAL B 356 -8.31 23.15 1.15
C VAL B 356 -9.55 23.42 1.98
N LEU B 357 -10.48 22.46 2.06
CA LEU B 357 -11.73 22.67 2.75
C LEU B 357 -11.47 22.91 4.24
N SER B 358 -10.53 22.16 4.86
CA SER B 358 -10.17 22.35 6.26
CA SER B 358 -10.21 22.36 6.27
C SER B 358 -9.68 23.78 6.49
N GLN B 359 -8.83 24.26 5.60
CA GLN B 359 -8.24 25.60 5.72
C GLN B 359 -9.33 26.64 5.54
N LEU B 360 -10.19 26.49 4.52
CA LEU B 360 -11.26 27.45 4.36
C LEU B 360 -12.20 27.47 5.56
N ALA B 361 -12.56 26.30 6.11
CA ALA B 361 -13.48 26.28 7.22
C ALA B 361 -12.86 26.97 8.44
N LEU B 362 -11.60 26.71 8.71
CA LEU B 362 -10.99 27.15 9.97
C LEU B 362 -10.57 28.61 9.87
N THR B 363 -10.16 29.08 8.68
CA THR B 363 -9.49 30.37 8.59
C THR B 363 -10.12 31.29 7.55
N GLY B 364 -11.00 30.77 6.66
CA GLY B 364 -11.57 31.55 5.58
C GLY B 364 -10.63 31.72 4.39
N LYS B 365 -9.45 31.06 4.41
CA LYS B 365 -8.44 31.18 3.38
C LYS B 365 -7.76 29.83 3.18
N THR B 366 -7.00 29.70 2.09
CA THR B 366 -6.18 28.53 1.84
C THR B 366 -4.85 28.96 1.24
N GLU B 367 -3.82 28.16 1.48
CA GLU B 367 -2.51 28.35 0.91
C GLU B 367 -2.51 28.07 -0.60
N HIS B 368 -3.48 27.30 -1.10
CA HIS B 368 -3.49 26.90 -2.50
C HIS B 368 -4.23 27.94 -3.35
N ASP B 369 -3.82 28.09 -4.60
CA ASP B 369 -4.53 28.97 -5.53
C ASP B 369 -5.75 28.21 -6.03
N ILE B 370 -6.95 28.64 -5.59
CA ILE B 370 -8.20 28.01 -5.99
C ILE B 370 -9.05 28.92 -6.88
N SER B 371 -8.45 29.94 -7.50
CA SER B 371 -9.17 30.88 -8.34
C SER B 371 -9.93 30.21 -9.49
N ILE B 372 -9.39 29.13 -10.07
CA ILE B 372 -10.07 28.50 -11.18
C ILE B 372 -11.36 27.79 -10.74
N PHE B 373 -11.59 27.65 -9.43
CA PHE B 373 -12.76 26.99 -8.89
C PHE B 373 -13.76 27.95 -8.22
N SER B 374 -13.57 29.27 -8.47
CA SER B 374 -14.40 30.28 -7.80
C SER B 374 -15.89 30.08 -8.12
N ILE B 375 -16.76 30.28 -7.13
CA ILE B 375 -18.20 30.18 -7.26
C ILE B 375 -18.74 31.43 -7.97
N ASN B 376 -17.89 32.47 -8.14
CA ASN B 376 -18.28 33.73 -8.75
C ASN B 376 -17.83 33.84 -10.21
N ARG B 377 -17.14 32.83 -10.75
CA ARG B 377 -16.64 32.95 -12.09
C ARG B 377 -17.78 32.95 -13.12
N PRO B 378 -17.66 33.70 -14.24
CA PRO B 378 -18.78 33.81 -15.19
C PRO B 378 -19.26 32.54 -15.87
N ALA B 379 -18.31 31.61 -16.12
CA ALA B 379 -18.58 30.45 -16.95
C ALA B 379 -19.43 29.42 -16.21
N LEU B 380 -19.66 29.59 -14.91
CA LEU B 380 -20.57 28.72 -14.15
C LEU B 380 -22.03 28.92 -14.51
N LYS B 381 -22.36 30.15 -14.90
CA LYS B 381 -23.74 30.57 -15.08
C LYS B 381 -24.22 30.33 -16.50
N GLU B 382 -25.52 30.06 -16.63
CA GLU B 382 -26.15 29.98 -17.95
C GLU B 382 -26.12 31.37 -18.59
N SER B 383 -26.17 31.36 -19.93
CA SER B 383 -26.05 32.56 -20.76
C SER B 383 -26.80 33.78 -20.23
N LEU B 384 -28.08 33.60 -19.87
CA LEU B 384 -28.93 34.72 -19.49
C LEU B 384 -29.04 34.86 -17.96
N GLN B 385 -28.28 34.04 -17.23
CA GLN B 385 -28.26 34.08 -15.77
C GLN B 385 -27.29 35.14 -15.24
N LYS B 386 -27.75 35.91 -14.25
CA LYS B 386 -27.04 37.10 -13.77
C LYS B 386 -26.19 36.79 -12.53
N THR B 387 -26.72 35.95 -11.62
CA THR B 387 -26.03 35.68 -10.36
C THR B 387 -26.27 34.22 -9.97
N THR B 388 -25.35 33.66 -9.17
CA THR B 388 -25.55 32.32 -8.62
C THR B 388 -26.28 32.39 -7.28
N ILE B 389 -26.91 33.53 -6.95
CA ILE B 389 -27.55 33.72 -5.67
C ILE B 389 -29.04 34.02 -5.92
#